data_1WSV
#
_entry.id   1WSV
#
_cell.length_a   54.670
_cell.length_b   129.060
_cell.length_c   135.760
_cell.angle_alpha   90.00
_cell.angle_beta   90.00
_cell.angle_gamma   90.00
#
_symmetry.space_group_name_H-M   'P 21 21 21'
#
loop_
_entity.id
_entity.type
_entity.pdbx_description
1 polymer Aminomethyltransferase
2 non-polymer 'SULFATE ION'
3 non-polymer 'N-[4-({[(6S)-2-AMINO-4-HYDROXY-5-METHYL-5,6,7,8-TETRAHYDROPTERIDIN-6-YL]METHYL}AMINO)BENZOYL]-L-GLUTAMIC ACID'
4 water water
#
_entity_poly.entity_id   1
_entity_poly.type   'polypeptide(L)'
_entity_poly.pdbx_seq_one_letter_code
;AQEVLRRTPLYDFHLAHGGKMVAFAGWSLPVQYRDSHTDSHLHTRQHCSLFDVSHMLQTKILGSDRVKLMESLVVGDIAE
LRPNQGTLSLFTNEAGGILDDLIVTNTSEGHLYVVSNAGCWEKDLALMQDKVRELQNQGRDVGLEVLDNALLALQGPTAA
QVLQAGVADDLRKLPFMTSAVMEVFGVSGCRVTRCGYTGEDGVEISVPVAGAVHLATAILKNPEVKLAGLAARDSLRLEA
GLCLYGNDIDEHTTPVEGSLSWTLGKRRRAAMDFPGAKVIVPQLKGRVQRRRVGLMCEGAPMRAHSPILNMEGTKIGTVT
SGCPSPSLKKNVAMGYVPCEYSRPGTMLLVEVRRKQQMAVVSKMPFVPTNYYTLK
;
_entity_poly.pdbx_strand_id   A,B
#
loop_
_chem_comp.id
_chem_comp.type
_chem_comp.name
_chem_comp.formula
SO4 non-polymer 'SULFATE ION' 'O4 S -2'
THH non-polymer 'N-[4-({[(6S)-2-AMINO-4-HYDROXY-5-METHYL-5,6,7,8-TETRAHYDROPTERIDIN-6-YL]METHYL}AMINO)BENZOYL]-L-GLUTAMIC ACID' 'C20 H25 N7 O6'
#
# COMPACT_ATOMS: atom_id res chain seq x y z
N VAL A 4 -8.27 7.69 -11.19
CA VAL A 4 -7.23 7.07 -12.06
C VAL A 4 -7.07 5.59 -11.71
N LEU A 5 -7.37 4.73 -12.67
CA LEU A 5 -7.28 3.28 -12.45
C LEU A 5 -5.88 2.72 -12.72
N ARG A 6 -5.49 1.75 -11.92
CA ARG A 6 -4.19 1.10 -12.09
C ARG A 6 -4.34 0.05 -13.18
N ARG A 7 -3.27 -0.16 -13.96
CA ARG A 7 -3.31 -1.13 -15.05
C ARG A 7 -2.30 -2.26 -14.88
N THR A 8 -2.71 -3.48 -15.25
CA THR A 8 -1.80 -4.62 -15.15
C THR A 8 -0.91 -4.62 -16.38
N PRO A 9 0.11 -5.48 -16.39
CA PRO A 9 1.01 -5.54 -17.55
C PRO A 9 0.29 -6.00 -18.82
N LEU A 10 -0.91 -6.53 -18.66
CA LEU A 10 -1.68 -7.02 -19.79
C LEU A 10 -2.74 -6.07 -20.29
N TYR A 11 -2.71 -4.84 -19.81
CA TYR A 11 -3.70 -3.84 -20.22
C TYR A 11 -3.95 -3.80 -21.73
N ASP A 12 -2.91 -3.49 -22.50
CA ASP A 12 -3.04 -3.39 -23.95
C ASP A 12 -3.45 -4.70 -24.59
N PHE A 13 -3.00 -5.81 -23.98
CA PHE A 13 -3.34 -7.15 -24.46
C PHE A 13 -4.86 -7.31 -24.40
N HIS A 14 -5.45 -6.88 -23.29
CA HIS A 14 -6.89 -6.95 -23.11
C HIS A 14 -7.61 -6.13 -24.15
N LEU A 15 -7.20 -4.87 -24.30
CA LEU A 15 -7.84 -3.99 -25.27
C LEU A 15 -7.76 -4.58 -26.67
N ALA A 16 -6.56 -5.03 -27.06
CA ALA A 16 -6.35 -5.62 -28.38
C ALA A 16 -7.20 -6.86 -28.62
N HIS A 17 -7.65 -7.53 -27.56
CA HIS A 17 -8.48 -8.72 -27.74
C HIS A 17 -9.96 -8.50 -27.48
N GLY A 18 -10.37 -7.23 -27.48
CA GLY A 18 -11.78 -6.92 -27.29
C GLY A 18 -12.23 -6.71 -25.86
N GLY A 19 -11.28 -6.63 -24.94
CA GLY A 19 -11.64 -6.43 -23.55
C GLY A 19 -12.48 -5.19 -23.34
N LYS A 20 -13.54 -5.33 -22.55
CA LYS A 20 -14.41 -4.19 -22.23
C LYS A 20 -14.07 -3.78 -20.80
N MET A 21 -13.09 -2.90 -20.69
CA MET A 21 -12.59 -2.44 -19.40
C MET A 21 -13.60 -1.75 -18.49
N VAL A 22 -13.43 -1.97 -17.19
CA VAL A 22 -14.28 -1.39 -16.16
C VAL A 22 -13.44 -1.20 -14.91
N ALA A 23 -13.96 -0.45 -13.96
CA ALA A 23 -13.23 -0.21 -12.73
C ALA A 23 -13.49 -1.34 -11.74
N PHE A 24 -12.42 -1.97 -11.27
CA PHE A 24 -12.54 -3.06 -10.31
C PHE A 24 -11.46 -2.96 -9.25
N ALA A 25 -11.85 -2.70 -8.01
CA ALA A 25 -10.89 -2.58 -6.91
C ALA A 25 -9.78 -1.59 -7.23
N GLY A 26 -10.10 -0.54 -7.96
CA GLY A 26 -9.11 0.46 -8.29
C GLY A 26 -8.25 0.11 -9.49
N TRP A 27 -8.61 -0.98 -10.17
CA TRP A 27 -7.87 -1.40 -11.34
C TRP A 27 -8.74 -1.32 -12.59
N SER A 28 -8.09 -1.37 -13.75
CA SER A 28 -8.79 -1.35 -15.01
C SER A 28 -8.69 -2.78 -15.57
N LEU A 29 -9.79 -3.53 -15.48
CA LEU A 29 -9.80 -4.91 -15.95
C LEU A 29 -11.02 -5.19 -16.81
N PRO A 30 -10.92 -6.20 -17.69
CA PRO A 30 -12.06 -6.54 -18.57
C PRO A 30 -13.18 -7.23 -17.81
N VAL A 31 -14.40 -6.74 -17.98
CA VAL A 31 -15.56 -7.33 -17.33
C VAL A 31 -15.94 -8.54 -18.19
N GLN A 32 -15.60 -8.46 -19.48
CA GLN A 32 -15.83 -9.50 -20.48
C GLN A 32 -15.11 -9.08 -21.76
N TYR A 33 -15.18 -9.94 -22.78
CA TYR A 33 -14.55 -9.63 -24.07
C TYR A 33 -15.61 -9.64 -25.17
N ARG A 34 -15.29 -10.28 -26.29
CA ARG A 34 -16.22 -10.34 -27.42
C ARG A 34 -17.43 -11.18 -27.04
N ASP A 35 -17.18 -12.33 -26.42
CA ASP A 35 -18.24 -13.24 -26.02
C ASP A 35 -18.92 -12.87 -24.71
N SER A 36 -20.23 -13.12 -24.63
CA SER A 36 -21.01 -12.83 -23.43
C SER A 36 -20.35 -13.46 -22.20
N HIS A 37 -20.62 -12.92 -21.02
CA HIS A 37 -20.01 -13.50 -19.82
C HIS A 37 -20.59 -14.88 -19.60
N THR A 38 -21.78 -15.10 -20.13
CA THR A 38 -22.46 -16.38 -20.03
C THR A 38 -21.75 -17.45 -20.87
N ASP A 39 -21.43 -17.11 -22.11
CA ASP A 39 -20.75 -18.06 -22.96
C ASP A 39 -19.34 -18.30 -22.46
N SER A 40 -18.71 -17.25 -21.97
CA SER A 40 -17.35 -17.36 -21.43
C SER A 40 -17.35 -18.33 -20.27
N HIS A 41 -18.39 -18.23 -19.45
CA HIS A 41 -18.57 -19.08 -18.29
C HIS A 41 -18.59 -20.55 -18.71
N LEU A 42 -19.54 -20.88 -19.57
CA LEU A 42 -19.70 -22.25 -20.05
C LEU A 42 -18.45 -22.76 -20.75
N HIS A 43 -17.85 -21.92 -21.59
CA HIS A 43 -16.65 -22.33 -22.28
C HIS A 43 -15.62 -22.76 -21.27
N THR A 44 -15.60 -22.08 -20.13
CA THR A 44 -14.65 -22.38 -19.07
C THR A 44 -14.86 -23.77 -18.48
N ARG A 45 -16.11 -24.19 -18.33
CA ARG A 45 -16.38 -25.50 -17.75
C ARG A 45 -16.30 -26.66 -18.72
N GLN A 46 -16.15 -26.38 -20.01
CA GLN A 46 -16.08 -27.43 -21.01
C GLN A 46 -14.68 -27.56 -21.61
N HIS A 47 -13.94 -26.46 -21.61
CA HIS A 47 -12.59 -26.44 -22.18
C HIS A 47 -11.70 -25.77 -21.14
N CYS A 48 -11.44 -24.48 -21.35
CA CYS A 48 -10.65 -23.69 -20.41
C CYS A 48 -10.58 -22.22 -20.81
N SER A 49 -10.44 -21.36 -19.81
CA SER A 49 -10.36 -19.93 -20.03
C SER A 49 -9.15 -19.36 -19.36
N LEU A 50 -8.73 -18.19 -19.82
CA LEU A 50 -7.58 -17.52 -19.27
C LEU A 50 -8.05 -16.23 -18.59
N PHE A 51 -7.63 -16.05 -17.34
CA PHE A 51 -7.96 -14.86 -16.57
C PHE A 51 -6.68 -14.17 -16.13
N ASP A 52 -6.71 -12.84 -16.09
CA ASP A 52 -5.55 -12.08 -15.64
C ASP A 52 -5.85 -11.66 -14.21
N VAL A 53 -5.05 -12.13 -13.26
CA VAL A 53 -5.25 -11.77 -11.87
C VAL A 53 -4.00 -11.12 -11.31
N SER A 54 -3.30 -10.40 -12.19
CA SER A 54 -2.07 -9.71 -11.82
C SER A 54 -2.33 -8.61 -10.79
N HIS A 55 -3.59 -8.28 -10.55
CA HIS A 55 -3.91 -7.24 -9.59
C HIS A 55 -3.91 -7.71 -8.15
N MET A 56 -3.84 -9.03 -7.96
CA MET A 56 -3.80 -9.57 -6.60
C MET A 56 -2.41 -9.36 -6.03
N LEU A 57 -2.32 -9.32 -4.70
CA LEU A 57 -1.02 -9.12 -4.04
C LEU A 57 -0.26 -10.43 -3.85
N GLN A 58 0.93 -10.49 -4.42
CA GLN A 58 1.79 -11.67 -4.32
C GLN A 58 2.97 -11.31 -3.43
N THR A 59 3.10 -11.96 -2.30
CA THR A 59 4.19 -11.67 -1.40
C THR A 59 4.99 -12.89 -1.01
N LYS A 60 6.17 -12.65 -0.48
CA LYS A 60 7.07 -13.70 -0.03
C LYS A 60 7.41 -13.42 1.41
N ILE A 61 7.39 -14.47 2.23
CA ILE A 61 7.77 -14.32 3.61
C ILE A 61 9.10 -15.05 3.66
N LEU A 62 10.17 -14.30 3.91
CA LEU A 62 11.52 -14.88 3.99
C LEU A 62 11.90 -15.07 5.44
N GLY A 63 12.99 -15.79 5.66
CA GLY A 63 13.47 -16.02 7.00
C GLY A 63 13.14 -17.40 7.52
N SER A 64 13.84 -17.80 8.57
CA SER A 64 13.62 -19.10 9.19
C SER A 64 12.41 -19.06 10.13
N ASP A 65 11.92 -17.86 10.41
CA ASP A 65 10.76 -17.72 11.29
C ASP A 65 9.48 -17.40 10.51
N ARG A 66 9.53 -17.58 9.19
CA ARG A 66 8.37 -17.28 8.37
C ARG A 66 7.10 -18.01 8.79
N VAL A 67 7.21 -19.30 9.10
CA VAL A 67 6.03 -20.07 9.50
C VAL A 67 5.47 -19.53 10.80
N LYS A 68 6.34 -19.13 11.73
CA LYS A 68 5.90 -18.60 13.01
C LYS A 68 5.21 -17.25 12.85
N LEU A 69 5.71 -16.44 11.94
CA LEU A 69 5.11 -15.13 11.70
C LEU A 69 3.74 -15.34 11.09
N MET A 70 3.68 -16.17 10.05
CA MET A 70 2.44 -16.44 9.37
C MET A 70 1.40 -17.06 10.30
N GLU A 71 1.77 -18.10 11.03
CA GLU A 71 0.81 -18.74 11.92
C GLU A 71 0.21 -17.75 12.92
N SER A 72 0.94 -16.69 13.25
CA SER A 72 0.42 -15.72 14.19
C SER A 72 -0.60 -14.78 13.52
N LEU A 73 -0.73 -14.90 12.20
CA LEU A 73 -1.66 -14.06 11.44
C LEU A 73 -2.81 -14.85 10.82
N VAL A 74 -2.59 -16.12 10.50
CA VAL A 74 -3.62 -16.94 9.87
C VAL A 74 -4.09 -18.08 10.76
N VAL A 75 -5.13 -18.78 10.32
CA VAL A 75 -5.71 -19.88 11.08
C VAL A 75 -5.22 -21.27 10.68
N GLY A 76 -4.75 -21.44 9.45
CA GLY A 76 -4.31 -22.76 9.03
C GLY A 76 -3.05 -23.35 9.64
N ASP A 77 -2.90 -24.67 9.50
CA ASP A 77 -1.72 -25.38 10.00
C ASP A 77 -0.65 -25.15 8.93
N ILE A 78 0.18 -24.13 9.13
CA ILE A 78 1.21 -23.82 8.15
C ILE A 78 2.43 -24.72 8.31
N ALA A 79 2.73 -25.10 9.55
CA ALA A 79 3.88 -25.95 9.83
C ALA A 79 3.74 -27.34 9.22
N GLU A 80 2.52 -27.82 9.10
CA GLU A 80 2.26 -29.16 8.57
C GLU A 80 2.37 -29.29 7.05
N LEU A 81 2.32 -28.17 6.34
CA LEU A 81 2.41 -28.20 4.88
C LEU A 81 3.70 -28.82 4.37
N ARG A 82 3.59 -29.84 3.52
CA ARG A 82 4.76 -30.49 2.95
C ARG A 82 5.37 -29.48 1.99
N PRO A 83 6.65 -29.67 1.62
CA PRO A 83 7.32 -28.74 0.69
C PRO A 83 6.53 -28.58 -0.61
N ASN A 84 6.31 -27.33 -1.02
CA ASN A 84 5.58 -27.01 -2.24
C ASN A 84 4.09 -27.31 -2.14
N GLN A 85 3.60 -27.34 -0.91
CA GLN A 85 2.20 -27.60 -0.66
C GLN A 85 1.54 -26.30 -0.21
N GLY A 86 0.33 -26.05 -0.69
CA GLY A 86 -0.36 -24.83 -0.31
C GLY A 86 -1.74 -25.04 0.26
N THR A 87 -2.35 -23.97 0.74
CA THR A 87 -3.69 -24.05 1.31
C THR A 87 -4.38 -22.70 1.39
N LEU A 88 -5.71 -22.72 1.33
CA LEU A 88 -6.46 -21.49 1.49
C LEU A 88 -6.38 -21.20 2.98
N SER A 89 -6.46 -19.94 3.36
CA SER A 89 -6.40 -19.62 4.77
C SER A 89 -7.00 -18.24 5.00
N LEU A 90 -7.18 -17.91 6.28
CA LEU A 90 -7.78 -16.64 6.62
C LEU A 90 -6.94 -15.84 7.57
N PHE A 91 -7.06 -14.51 7.45
CA PHE A 91 -6.39 -13.57 8.31
C PHE A 91 -7.46 -13.23 9.34
N THR A 92 -7.20 -13.45 10.62
CA THR A 92 -8.21 -13.13 11.63
C THR A 92 -7.70 -12.17 12.70
N ASN A 93 -8.58 -11.31 13.20
CA ASN A 93 -8.21 -10.39 14.27
C ASN A 93 -8.55 -11.10 15.58
N GLU A 94 -8.19 -10.50 16.71
CA GLU A 94 -8.46 -11.12 18.00
C GLU A 94 -9.94 -11.40 18.23
N ALA A 95 -10.81 -10.66 17.55
CA ALA A 95 -12.25 -10.85 17.70
C ALA A 95 -12.71 -12.00 16.80
N GLY A 96 -11.77 -12.59 16.08
CA GLY A 96 -12.09 -13.69 15.19
C GLY A 96 -12.60 -13.24 13.83
N GLY A 97 -12.58 -11.94 13.59
CA GLY A 97 -13.05 -11.41 12.32
C GLY A 97 -12.06 -11.70 11.20
N ILE A 98 -12.58 -11.91 9.99
CA ILE A 98 -11.72 -12.19 8.83
C ILE A 98 -11.29 -10.88 8.16
N LEU A 99 -9.99 -10.65 8.12
CA LEU A 99 -9.44 -9.44 7.52
C LEU A 99 -9.24 -9.61 6.01
N ASP A 100 -9.10 -10.85 5.57
CA ASP A 100 -8.91 -11.18 4.17
C ASP A 100 -8.58 -12.66 4.08
N ASP A 101 -8.96 -13.29 2.97
CA ASP A 101 -8.65 -14.70 2.75
C ASP A 101 -7.51 -14.74 1.73
N LEU A 102 -6.75 -15.84 1.73
CA LEU A 102 -5.59 -15.94 0.85
C LEU A 102 -5.13 -17.38 0.65
N ILE A 103 -4.16 -17.55 -0.25
CA ILE A 103 -3.60 -18.87 -0.50
C ILE A 103 -2.12 -18.82 -0.12
N VAL A 104 -1.72 -19.70 0.78
CA VAL A 104 -0.34 -19.74 1.28
C VAL A 104 0.35 -21.01 0.88
N THR A 105 1.49 -20.88 0.22
CA THR A 105 2.26 -22.03 -0.21
C THR A 105 3.62 -22.08 0.47
N ASN A 106 3.99 -23.27 0.94
CA ASN A 106 5.29 -23.46 1.58
C ASN A 106 6.26 -23.96 0.50
N THR A 107 6.82 -23.03 -0.27
CA THR A 107 7.74 -23.37 -1.34
C THR A 107 9.02 -24.00 -0.83
N SER A 108 9.68 -24.75 -1.69
CA SER A 108 10.93 -25.41 -1.34
C SER A 108 12.11 -24.45 -1.46
N GLU A 109 11.84 -23.19 -1.78
CA GLU A 109 12.87 -22.18 -1.93
C GLU A 109 13.06 -21.37 -0.65
N GLY A 110 12.69 -21.95 0.48
CA GLY A 110 12.86 -21.25 1.74
C GLY A 110 12.00 -20.03 1.99
N HIS A 111 10.84 -19.94 1.36
CA HIS A 111 9.95 -18.81 1.60
C HIS A 111 8.50 -19.22 1.42
N LEU A 112 7.61 -18.51 2.12
CA LEU A 112 6.19 -18.79 1.99
C LEU A 112 5.70 -17.92 0.84
N TYR A 113 4.88 -18.49 -0.04
CA TYR A 113 4.36 -17.76 -1.17
C TYR A 113 2.91 -17.41 -0.86
N VAL A 114 2.64 -16.12 -0.68
CA VAL A 114 1.29 -15.64 -0.34
C VAL A 114 0.59 -14.82 -1.41
N VAL A 115 -0.70 -15.07 -1.61
CA VAL A 115 -1.48 -14.34 -2.59
C VAL A 115 -2.78 -13.83 -1.96
N SER A 116 -2.94 -12.50 -1.93
CA SER A 116 -4.13 -11.90 -1.33
C SER A 116 -4.97 -11.11 -2.34
N ASN A 117 -6.18 -10.74 -1.91
CA ASN A 117 -7.10 -9.99 -2.75
C ASN A 117 -6.55 -8.60 -3.07
N ALA A 118 -6.79 -8.16 -4.30
CA ALA A 118 -6.34 -6.86 -4.76
C ALA A 118 -6.93 -5.73 -3.92
N GLY A 119 -8.23 -5.87 -3.62
CA GLY A 119 -8.90 -4.86 -2.84
C GLY A 119 -8.43 -4.72 -1.41
N CYS A 120 -7.52 -5.61 -0.99
CA CYS A 120 -7.02 -5.56 0.38
C CYS A 120 -5.51 -5.43 0.50
N TRP A 121 -4.82 -5.11 -0.59
CA TRP A 121 -3.38 -5.04 -0.50
C TRP A 121 -2.85 -4.00 0.48
N GLU A 122 -3.59 -2.91 0.67
CA GLU A 122 -3.13 -1.89 1.60
C GLU A 122 -3.22 -2.48 3.01
N LYS A 123 -4.38 -3.04 3.33
CA LYS A 123 -4.60 -3.65 4.63
C LYS A 123 -3.60 -4.77 4.94
N ASP A 124 -3.62 -5.81 4.11
CA ASP A 124 -2.75 -6.97 4.31
C ASP A 124 -1.27 -6.65 4.37
N LEU A 125 -0.79 -5.86 3.41
CA LEU A 125 0.62 -5.52 3.37
C LEU A 125 1.03 -4.87 4.69
N ALA A 126 0.21 -3.94 5.16
CA ALA A 126 0.49 -3.25 6.40
C ALA A 126 0.49 -4.28 7.53
N LEU A 127 -0.49 -5.19 7.48
CA LEU A 127 -0.62 -6.22 8.49
C LEU A 127 0.64 -7.08 8.63
N MET A 128 1.14 -7.58 7.50
CA MET A 128 2.32 -8.42 7.52
C MET A 128 3.57 -7.62 7.80
N GLN A 129 3.67 -6.44 7.20
CA GLN A 129 4.85 -5.61 7.41
C GLN A 129 4.99 -5.34 8.90
N ASP A 130 3.90 -4.92 9.53
CA ASP A 130 3.91 -4.63 10.95
C ASP A 130 4.33 -5.83 11.79
N LYS A 131 3.93 -7.03 11.38
CA LYS A 131 4.29 -8.22 12.12
C LYS A 131 5.78 -8.49 11.99
N VAL A 132 6.29 -8.34 10.78
CA VAL A 132 7.71 -8.54 10.52
C VAL A 132 8.51 -7.58 11.42
N ARG A 133 8.04 -6.34 11.52
CA ARG A 133 8.71 -5.34 12.35
C ARG A 133 8.74 -5.83 13.78
N GLU A 134 7.56 -6.18 14.30
CA GLU A 134 7.43 -6.66 15.68
C GLU A 134 8.28 -7.89 15.96
N LEU A 135 8.37 -8.79 14.99
CA LEU A 135 9.16 -10.01 15.15
C LEU A 135 10.66 -9.74 15.06
N GLN A 136 11.04 -8.83 14.19
CA GLN A 136 12.45 -8.51 14.05
C GLN A 136 12.96 -7.87 15.33
N ASN A 137 12.09 -7.13 16.00
CA ASN A 137 12.47 -6.48 17.25
C ASN A 137 12.56 -7.53 18.36
N GLN A 138 12.40 -8.79 17.99
CA GLN A 138 12.48 -9.87 18.97
C GLN A 138 13.56 -10.87 18.54
N GLY A 139 14.54 -10.35 17.81
CA GLY A 139 15.65 -11.15 17.34
C GLY A 139 15.35 -12.26 16.36
N ARG A 140 14.09 -12.36 15.92
CA ARG A 140 13.72 -13.42 14.98
C ARG A 140 14.16 -13.06 13.55
N ASP A 141 14.48 -14.07 12.75
CA ASP A 141 14.89 -13.85 11.38
C ASP A 141 13.67 -13.95 10.48
N VAL A 142 13.22 -12.82 9.95
CA VAL A 142 12.05 -12.82 9.10
C VAL A 142 11.99 -11.57 8.25
N GLY A 143 11.47 -11.71 7.04
CA GLY A 143 11.37 -10.57 6.14
C GLY A 143 10.24 -10.71 5.15
N LEU A 144 9.78 -9.60 4.63
CA LEU A 144 8.68 -9.58 3.67
C LEU A 144 9.15 -9.02 2.33
N GLU A 145 8.52 -9.46 1.26
CA GLU A 145 8.89 -8.98 -0.06
C GLU A 145 7.73 -9.12 -1.05
N VAL A 146 7.39 -8.02 -1.74
CA VAL A 146 6.32 -8.06 -2.72
C VAL A 146 6.88 -8.39 -4.10
N LEU A 147 6.25 -9.35 -4.77
CA LEU A 147 6.68 -9.77 -6.10
C LEU A 147 6.17 -8.83 -7.19
N ASP A 148 6.96 -8.69 -8.25
CA ASP A 148 6.63 -7.84 -9.38
C ASP A 148 5.86 -8.67 -10.40
N ASN A 149 5.99 -9.99 -10.30
CA ASN A 149 5.34 -10.90 -11.22
C ASN A 149 3.89 -10.60 -11.52
N ALA A 150 3.46 -11.01 -12.71
CA ALA A 150 2.08 -10.87 -13.11
C ALA A 150 1.51 -12.21 -12.67
N LEU A 151 0.20 -12.39 -12.81
CA LEU A 151 -0.41 -13.64 -12.39
C LEU A 151 -1.50 -14.01 -13.36
N LEU A 152 -1.34 -15.16 -13.99
CA LEU A 152 -2.32 -15.63 -14.95
C LEU A 152 -2.97 -16.88 -14.43
N ALA A 153 -4.24 -17.06 -14.74
CA ALA A 153 -4.96 -18.23 -14.29
C ALA A 153 -5.63 -18.91 -15.48
N LEU A 154 -5.30 -20.17 -15.69
CA LEU A 154 -5.88 -20.97 -16.77
C LEU A 154 -6.73 -22.02 -16.06
N GLN A 155 -8.03 -21.92 -16.25
CA GLN A 155 -8.97 -22.82 -15.58
C GLN A 155 -9.90 -23.58 -16.49
N GLY A 156 -10.09 -24.86 -16.19
CA GLY A 156 -10.97 -25.68 -16.98
C GLY A 156 -10.46 -27.09 -17.15
N PRO A 157 -11.32 -28.00 -17.63
CA PRO A 157 -10.91 -29.39 -17.82
C PRO A 157 -9.73 -29.60 -18.80
N THR A 158 -9.52 -28.67 -19.73
CA THR A 158 -8.41 -28.82 -20.68
C THR A 158 -7.23 -27.90 -20.39
N ALA A 159 -7.28 -27.18 -19.28
CA ALA A 159 -6.20 -26.26 -18.93
C ALA A 159 -4.86 -26.99 -18.83
N ALA A 160 -4.86 -28.09 -18.10
CA ALA A 160 -3.66 -28.90 -17.87
C ALA A 160 -3.01 -29.27 -19.19
N GLN A 161 -3.80 -29.85 -20.07
CA GLN A 161 -3.33 -30.26 -21.38
C GLN A 161 -2.72 -29.06 -22.10
N VAL A 162 -3.48 -27.98 -22.20
CA VAL A 162 -3.01 -26.76 -22.86
C VAL A 162 -1.66 -26.30 -22.34
N LEU A 163 -1.48 -26.35 -21.03
CA LEU A 163 -0.23 -25.92 -20.42
C LEU A 163 0.90 -26.91 -20.59
N GLN A 164 0.57 -28.20 -20.65
CA GLN A 164 1.58 -29.24 -20.77
C GLN A 164 2.51 -29.02 -21.97
N ALA A 165 1.99 -28.45 -23.04
CA ALA A 165 2.78 -28.21 -24.23
C ALA A 165 3.86 -27.16 -24.01
N GLY A 166 3.76 -26.40 -22.94
CA GLY A 166 4.76 -25.37 -22.68
C GLY A 166 5.69 -25.70 -21.53
N VAL A 167 5.58 -26.90 -20.98
CA VAL A 167 6.45 -27.29 -19.88
C VAL A 167 6.95 -28.72 -20.02
N ALA A 168 8.19 -28.94 -19.59
CA ALA A 168 8.82 -30.26 -19.65
C ALA A 168 8.25 -31.21 -18.62
N ASP A 169 8.01 -30.70 -17.42
CA ASP A 169 7.49 -31.47 -16.30
C ASP A 169 6.11 -32.09 -16.52
N ASP A 170 5.90 -33.27 -15.93
CA ASP A 170 4.62 -33.93 -16.06
C ASP A 170 3.71 -33.28 -15.03
N LEU A 171 2.67 -32.61 -15.50
CA LEU A 171 1.75 -31.92 -14.61
C LEU A 171 0.92 -32.88 -13.77
N ARG A 172 0.96 -34.16 -14.14
CA ARG A 172 0.23 -35.17 -13.37
C ARG A 172 0.89 -35.27 -12.00
N LYS A 173 2.11 -34.76 -11.91
CA LYS A 173 2.88 -34.76 -10.67
C LYS A 173 2.64 -33.48 -9.87
N LEU A 174 1.75 -32.63 -10.38
CA LEU A 174 1.43 -31.36 -9.71
C LEU A 174 -0.02 -31.38 -9.25
N PRO A 175 -0.32 -32.12 -8.18
CA PRO A 175 -1.67 -32.25 -7.63
C PRO A 175 -2.24 -30.93 -7.13
N PHE A 176 -3.56 -30.92 -6.90
CA PHE A 176 -4.27 -29.76 -6.42
C PHE A 176 -3.58 -29.18 -5.19
N MET A 177 -3.45 -27.87 -5.17
CA MET A 177 -2.81 -27.14 -4.08
C MET A 177 -1.31 -27.37 -3.87
N THR A 178 -0.60 -27.75 -4.93
CA THR A 178 0.84 -27.93 -4.85
C THR A 178 1.38 -27.09 -5.99
N SER A 179 2.64 -26.65 -5.89
CA SER A 179 3.21 -25.83 -6.96
C SER A 179 4.67 -26.14 -7.20
N ALA A 180 5.19 -25.60 -8.29
CA ALA A 180 6.59 -25.81 -8.68
C ALA A 180 7.07 -24.66 -9.53
N VAL A 181 8.38 -24.46 -9.53
CA VAL A 181 9.01 -23.42 -10.33
C VAL A 181 9.46 -24.07 -11.63
N MET A 182 8.87 -23.68 -12.75
CA MET A 182 9.25 -24.25 -14.03
C MET A 182 9.22 -23.24 -15.17
N GLU A 183 9.83 -23.60 -16.29
CA GLU A 183 9.89 -22.72 -17.45
C GLU A 183 8.66 -22.89 -18.32
N VAL A 184 7.79 -21.89 -18.31
CA VAL A 184 6.57 -21.97 -19.11
C VAL A 184 6.75 -21.27 -20.45
N PHE A 185 6.46 -22.00 -21.52
CA PHE A 185 6.60 -21.48 -22.88
C PHE A 185 7.78 -20.54 -23.06
N GLY A 186 8.97 -20.98 -22.72
CA GLY A 186 10.14 -20.15 -22.90
C GLY A 186 10.50 -19.25 -21.75
N VAL A 187 9.51 -18.82 -20.99
CA VAL A 187 9.78 -17.94 -19.85
C VAL A 187 10.20 -18.75 -18.63
N SER A 188 11.35 -18.39 -18.07
CA SER A 188 11.86 -19.09 -16.90
C SER A 188 11.45 -18.34 -15.63
N GLY A 189 11.52 -19.03 -14.50
CA GLY A 189 11.18 -18.41 -13.23
C GLY A 189 9.71 -18.40 -12.86
N CYS A 190 8.87 -18.97 -13.72
CA CYS A 190 7.44 -19.02 -13.45
C CYS A 190 7.12 -20.02 -12.34
N ARG A 191 6.20 -19.68 -11.45
CA ARG A 191 5.80 -20.63 -10.43
C ARG A 191 4.42 -21.03 -10.90
N VAL A 192 4.24 -22.32 -11.10
CA VAL A 192 2.98 -22.85 -11.55
C VAL A 192 2.34 -23.47 -10.33
N THR A 193 1.08 -23.14 -10.10
CA THR A 193 0.39 -23.69 -8.95
C THR A 193 -0.94 -24.31 -9.38
N ARG A 194 -1.21 -25.51 -8.87
CA ARG A 194 -2.45 -26.22 -9.18
C ARG A 194 -3.54 -25.72 -8.24
N CYS A 195 -4.06 -24.53 -8.52
CA CYS A 195 -5.10 -23.92 -7.72
C CYS A 195 -6.02 -23.08 -8.59
N GLY A 196 -7.09 -22.55 -8.00
CA GLY A 196 -8.02 -21.76 -8.77
C GLY A 196 -9.17 -21.13 -7.99
N TYR A 197 -10.08 -20.52 -8.74
CA TYR A 197 -11.23 -19.84 -8.18
C TYR A 197 -12.40 -20.15 -9.07
N THR A 198 -12.44 -21.37 -9.60
CA THR A 198 -13.53 -21.74 -10.50
C THR A 198 -14.20 -23.05 -10.17
N GLY A 199 -13.52 -23.91 -9.42
CA GLY A 199 -14.11 -25.20 -9.10
C GLY A 199 -13.69 -26.24 -10.11
N GLU A 200 -13.06 -25.78 -11.19
CA GLU A 200 -12.57 -26.67 -12.25
C GLU A 200 -11.10 -26.93 -12.00
N ASP A 201 -10.53 -27.85 -12.77
CA ASP A 201 -9.11 -28.14 -12.64
C ASP A 201 -8.49 -26.86 -13.17
N GLY A 202 -7.26 -26.59 -12.79
CA GLY A 202 -6.65 -25.39 -13.29
C GLY A 202 -5.33 -25.09 -12.65
N VAL A 203 -4.64 -24.14 -13.24
CA VAL A 203 -3.35 -23.72 -12.73
C VAL A 203 -3.32 -22.22 -12.70
N GLU A 204 -2.35 -21.71 -11.96
CA GLU A 204 -2.15 -20.28 -11.83
C GLU A 204 -0.68 -20.08 -12.08
N ILE A 205 -0.33 -19.17 -12.98
CA ILE A 205 1.08 -18.94 -13.25
C ILE A 205 1.54 -17.57 -12.77
N SER A 206 2.61 -17.58 -11.99
CA SER A 206 3.22 -16.35 -11.52
C SER A 206 4.38 -16.19 -12.49
N VAL A 207 4.21 -15.32 -13.47
CA VAL A 207 5.21 -15.13 -14.50
C VAL A 207 5.87 -13.76 -14.47
N PRO A 208 7.19 -13.72 -14.63
CA PRO A 208 7.93 -12.45 -14.63
C PRO A 208 7.32 -11.57 -15.71
N VAL A 209 7.06 -10.31 -15.37
CA VAL A 209 6.44 -9.38 -16.29
C VAL A 209 6.98 -9.41 -17.72
N ALA A 210 8.31 -9.40 -17.87
CA ALA A 210 8.92 -9.40 -19.19
C ALA A 210 8.40 -10.51 -20.11
N GLY A 211 7.97 -11.62 -19.53
CA GLY A 211 7.46 -12.71 -20.34
C GLY A 211 5.96 -12.86 -20.25
N ALA A 212 5.35 -12.01 -19.44
CA ALA A 212 3.91 -12.04 -19.23
C ALA A 212 3.10 -12.08 -20.53
N VAL A 213 3.23 -11.05 -21.34
CA VAL A 213 2.48 -10.97 -22.60
C VAL A 213 2.82 -12.11 -23.54
N HIS A 214 4.05 -12.62 -23.44
CA HIS A 214 4.47 -13.73 -24.28
C HIS A 214 3.74 -15.01 -23.85
N LEU A 215 3.69 -15.24 -22.55
CA LEU A 215 3.03 -16.40 -22.01
C LEU A 215 1.53 -16.40 -22.30
N ALA A 216 0.91 -15.22 -22.21
CA ALA A 216 -0.52 -15.10 -22.46
C ALA A 216 -0.85 -15.45 -23.89
N THR A 217 -0.14 -14.87 -24.84
CA THR A 217 -0.41 -15.18 -26.24
C THR A 217 -0.05 -16.62 -26.57
N ALA A 218 1.01 -17.11 -25.94
CA ALA A 218 1.46 -18.48 -26.15
C ALA A 218 0.29 -19.41 -25.81
N ILE A 219 -0.25 -19.24 -24.61
CA ILE A 219 -1.37 -20.03 -24.13
C ILE A 219 -2.61 -19.80 -25.00
N LEU A 220 -2.95 -18.53 -25.19
CA LEU A 220 -4.13 -18.19 -25.98
C LEU A 220 -4.12 -18.76 -27.40
N LYS A 221 -2.92 -19.03 -27.93
CA LYS A 221 -2.81 -19.61 -29.27
C LYS A 221 -3.56 -20.92 -29.43
N ASN A 222 -3.63 -21.70 -28.36
CA ASN A 222 -4.34 -22.98 -28.40
C ASN A 222 -5.82 -22.72 -28.64
N PRO A 223 -6.47 -23.48 -29.53
CA PRO A 223 -7.89 -23.31 -29.83
C PRO A 223 -8.78 -23.62 -28.62
N GLU A 224 -8.23 -24.35 -27.67
CA GLU A 224 -8.96 -24.71 -26.45
C GLU A 224 -9.18 -23.50 -25.55
N VAL A 225 -8.19 -22.61 -25.53
CA VAL A 225 -8.21 -21.42 -24.71
C VAL A 225 -9.00 -20.24 -25.25
N LYS A 226 -9.59 -19.48 -24.32
CA LYS A 226 -10.37 -18.30 -24.65
C LYS A 226 -10.29 -17.38 -23.43
N LEU A 227 -10.09 -16.08 -23.66
CA LEU A 227 -9.98 -15.13 -22.55
C LEU A 227 -11.28 -15.03 -21.77
N ALA A 228 -11.18 -14.81 -20.46
CA ALA A 228 -12.36 -14.69 -19.60
C ALA A 228 -12.25 -13.46 -18.69
N GLY A 229 -13.36 -12.73 -18.56
CA GLY A 229 -13.38 -11.53 -17.75
C GLY A 229 -13.99 -11.64 -16.37
N LEU A 230 -14.09 -10.50 -15.70
CA LEU A 230 -14.63 -10.40 -14.34
C LEU A 230 -16.01 -10.99 -14.08
N ALA A 231 -16.96 -10.74 -14.98
CA ALA A 231 -18.31 -11.27 -14.78
C ALA A 231 -18.29 -12.78 -14.78
N ALA A 232 -17.48 -13.38 -15.64
CA ALA A 232 -17.40 -14.83 -15.71
C ALA A 232 -16.69 -15.39 -14.48
N ARG A 233 -15.70 -14.64 -13.98
CA ARG A 233 -14.95 -15.08 -12.80
C ARG A 233 -15.88 -15.09 -11.61
N ASP A 234 -16.76 -14.10 -11.54
CA ASP A 234 -17.68 -14.01 -10.42
C ASP A 234 -18.68 -15.14 -10.45
N SER A 235 -19.25 -15.43 -11.61
CA SER A 235 -20.24 -16.50 -11.71
C SER A 235 -19.59 -17.89 -11.59
N LEU A 236 -18.33 -18.00 -11.96
CA LEU A 236 -17.65 -19.27 -11.85
C LEU A 236 -17.36 -19.63 -10.39
N ARG A 237 -16.92 -18.65 -9.59
CA ARG A 237 -16.60 -18.91 -8.19
C ARG A 237 -17.87 -19.11 -7.34
N LEU A 238 -18.91 -18.35 -7.66
CA LEU A 238 -20.16 -18.47 -6.94
C LEU A 238 -20.72 -19.89 -7.09
N GLU A 239 -20.66 -20.46 -8.30
CA GLU A 239 -21.17 -21.82 -8.48
C GLU A 239 -20.31 -22.81 -7.70
N ALA A 240 -19.02 -22.51 -7.60
CA ALA A 240 -18.11 -23.39 -6.89
C ALA A 240 -18.23 -23.19 -5.37
N GLY A 241 -19.16 -22.34 -4.96
CA GLY A 241 -19.36 -22.08 -3.54
C GLY A 241 -18.19 -21.38 -2.86
N LEU A 242 -17.46 -20.55 -3.62
CA LEU A 242 -16.31 -19.84 -3.08
C LEU A 242 -16.64 -18.41 -2.69
N CYS A 243 -16.07 -17.98 -1.56
CA CYS A 243 -16.28 -16.63 -1.04
C CYS A 243 -15.58 -15.51 -1.77
N LEU A 244 -16.28 -14.38 -1.87
CA LEU A 244 -15.75 -13.17 -2.47
C LEU A 244 -15.58 -12.25 -1.26
N TYR A 245 -14.35 -12.09 -0.78
CA TYR A 245 -14.13 -11.24 0.38
C TYR A 245 -14.71 -9.85 0.14
N GLY A 246 -15.38 -9.31 1.15
CA GLY A 246 -15.99 -8.01 1.02
C GLY A 246 -17.48 -8.20 0.86
N ASN A 247 -17.87 -9.32 0.28
CA ASN A 247 -19.28 -9.63 0.08
C ASN A 247 -19.74 -10.74 1.01
N ASP A 248 -19.18 -11.92 0.82
CA ASP A 248 -19.59 -13.08 1.59
C ASP A 248 -18.97 -13.21 2.96
N ILE A 249 -17.83 -12.55 3.15
CA ILE A 249 -17.14 -12.59 4.42
C ILE A 249 -16.42 -11.26 4.58
N ASP A 250 -16.29 -10.81 5.83
CA ASP A 250 -15.60 -9.57 6.13
C ASP A 250 -15.13 -9.56 7.57
N GLU A 251 -14.72 -8.39 8.05
CA GLU A 251 -14.23 -8.27 9.42
C GLU A 251 -15.33 -8.48 10.46
N HIS A 252 -16.56 -8.66 9.99
CA HIS A 252 -17.68 -8.88 10.90
C HIS A 252 -18.18 -10.30 10.85
N THR A 253 -17.42 -11.17 10.18
CA THR A 253 -17.79 -12.57 10.09
C THR A 253 -16.61 -13.42 10.53
N THR A 254 -16.86 -14.41 11.38
CA THR A 254 -15.82 -15.29 11.84
C THR A 254 -15.72 -16.44 10.85
N PRO A 255 -14.67 -17.24 10.95
CA PRO A 255 -14.57 -18.35 9.99
C PRO A 255 -15.71 -19.34 10.18
N VAL A 256 -16.32 -19.36 11.36
CA VAL A 256 -17.43 -20.26 11.65
C VAL A 256 -18.71 -19.75 11.01
N GLU A 257 -19.04 -18.49 11.25
CA GLU A 257 -20.25 -17.91 10.66
C GLU A 257 -20.11 -17.97 9.14
N GLY A 258 -18.87 -17.85 8.67
CA GLY A 258 -18.62 -17.87 7.24
C GLY A 258 -18.62 -19.25 6.58
N SER A 259 -18.87 -20.29 7.37
CA SER A 259 -18.89 -21.66 6.85
C SER A 259 -17.53 -21.99 6.25
N LEU A 260 -16.49 -21.67 7.01
CA LEU A 260 -15.12 -21.90 6.59
C LEU A 260 -14.35 -22.59 7.72
N SER A 261 -15.09 -23.22 8.63
CA SER A 261 -14.51 -23.92 9.77
C SER A 261 -13.38 -24.85 9.38
N TRP A 262 -13.48 -25.44 8.19
CA TRP A 262 -12.45 -26.36 7.74
C TRP A 262 -11.08 -25.69 7.55
N THR A 263 -11.04 -24.39 7.32
CA THR A 263 -9.78 -23.71 7.12
C THR A 263 -8.96 -23.66 8.40
N LEU A 264 -9.61 -23.90 9.53
CA LEU A 264 -8.89 -23.89 10.79
C LEU A 264 -7.97 -25.10 10.79
N GLY A 265 -6.68 -24.89 10.99
CA GLY A 265 -5.75 -26.00 11.00
C GLY A 265 -6.17 -27.10 11.96
N LYS A 266 -6.00 -28.34 11.54
CA LYS A 266 -6.35 -29.51 12.33
C LYS A 266 -5.74 -29.47 13.73
N ARG A 267 -4.41 -29.34 13.80
CA ARG A 267 -3.72 -29.28 15.09
C ARG A 267 -4.15 -28.07 15.90
N ARG A 268 -4.08 -26.90 15.27
CA ARG A 268 -4.43 -25.67 15.95
C ARG A 268 -5.88 -25.61 16.46
N ARG A 269 -6.81 -26.13 15.69
CA ARG A 269 -8.21 -26.13 16.09
C ARG A 269 -8.38 -26.87 17.41
N ALA A 270 -7.80 -28.07 17.47
CA ALA A 270 -7.88 -28.91 18.67
C ALA A 270 -7.10 -28.33 19.84
N ALA A 271 -6.08 -27.53 19.56
CA ALA A 271 -5.29 -26.94 20.63
C ALA A 271 -5.83 -25.58 21.00
N MET A 272 -6.75 -25.07 20.17
CA MET A 272 -7.35 -23.75 20.39
C MET A 272 -6.22 -22.73 20.40
N ASP A 273 -5.29 -22.91 19.48
CA ASP A 273 -4.13 -22.02 19.38
C ASP A 273 -4.05 -21.34 18.01
N PHE A 274 -4.81 -20.24 17.87
CA PHE A 274 -4.84 -19.46 16.64
C PHE A 274 -5.56 -18.14 16.92
N PRO A 275 -5.28 -17.10 16.11
CA PRO A 275 -5.93 -15.79 16.29
C PRO A 275 -7.45 -15.80 16.27
N GLY A 276 -8.04 -15.23 17.32
CA GLY A 276 -9.49 -15.17 17.43
C GLY A 276 -10.11 -16.40 18.05
N ALA A 277 -9.27 -17.31 18.54
CA ALA A 277 -9.75 -18.55 19.16
C ALA A 277 -10.77 -18.34 20.27
N LYS A 278 -10.61 -17.30 21.08
CA LYS A 278 -11.53 -17.08 22.18
C LYS A 278 -12.94 -16.79 21.70
N VAL A 279 -13.08 -16.30 20.47
CA VAL A 279 -14.40 -16.02 19.92
C VAL A 279 -14.84 -17.20 19.06
N ILE A 280 -13.90 -17.74 18.31
CA ILE A 280 -14.19 -18.84 17.40
C ILE A 280 -14.56 -20.17 18.03
N VAL A 281 -13.76 -20.64 19.00
CA VAL A 281 -14.03 -21.93 19.63
C VAL A 281 -15.45 -22.08 20.13
N PRO A 282 -15.95 -21.14 20.94
CA PRO A 282 -17.34 -21.26 21.43
C PRO A 282 -18.32 -21.43 20.26
N GLN A 283 -18.02 -20.78 19.14
CA GLN A 283 -18.86 -20.85 17.95
C GLN A 283 -18.75 -22.22 17.30
N LEU A 284 -17.54 -22.76 17.24
CA LEU A 284 -17.34 -24.08 16.67
C LEU A 284 -18.20 -25.06 17.45
N LYS A 285 -18.32 -24.80 18.75
CA LYS A 285 -19.09 -25.67 19.63
C LYS A 285 -20.60 -25.55 19.47
N GLY A 286 -21.06 -24.52 18.77
CA GLY A 286 -22.49 -24.36 18.58
C GLY A 286 -23.05 -22.98 18.91
N ARG A 287 -22.39 -22.26 19.80
CA ARG A 287 -22.88 -20.93 20.18
C ARG A 287 -22.58 -19.93 19.05
N VAL A 288 -23.34 -20.03 17.97
CA VAL A 288 -23.16 -19.14 16.83
C VAL A 288 -24.54 -18.69 16.36
N GLN A 289 -24.66 -17.44 15.94
CA GLN A 289 -25.93 -16.88 15.52
C GLN A 289 -26.38 -17.06 14.08
N ARG A 290 -25.45 -16.96 13.13
CA ARG A 290 -25.79 -17.07 11.72
C ARG A 290 -24.75 -17.86 10.94
N ARG A 291 -25.19 -18.52 9.87
CA ARG A 291 -24.28 -19.30 9.04
C ARG A 291 -24.40 -18.91 7.57
N ARG A 292 -23.29 -18.95 6.83
CA ARG A 292 -23.31 -18.63 5.40
C ARG A 292 -23.88 -19.82 4.65
N VAL A 293 -24.81 -19.56 3.75
CA VAL A 293 -25.42 -20.65 3.01
C VAL A 293 -25.60 -20.35 1.53
N GLY A 294 -26.02 -21.37 0.80
CA GLY A 294 -26.27 -21.24 -0.62
C GLY A 294 -27.78 -21.22 -0.84
N LEU A 295 -28.23 -20.47 -1.83
CA LEU A 295 -29.64 -20.36 -2.15
C LEU A 295 -29.88 -20.44 -3.65
N MET A 296 -30.96 -21.10 -4.05
CA MET A 296 -31.30 -21.22 -5.46
C MET A 296 -32.75 -20.84 -5.71
N CYS A 297 -33.04 -20.31 -6.88
CA CYS A 297 -34.41 -19.95 -7.19
C CYS A 297 -34.62 -19.81 -8.70
N GLU A 298 -35.85 -19.48 -9.07
CA GLU A 298 -36.23 -19.29 -10.46
C GLU A 298 -36.43 -17.80 -10.68
N GLY A 299 -36.88 -17.45 -11.88
CA GLY A 299 -37.13 -16.06 -12.19
C GLY A 299 -35.94 -15.13 -12.11
N ALA A 300 -36.20 -13.90 -11.70
CA ALA A 300 -35.15 -12.91 -11.59
C ALA A 300 -34.14 -13.33 -10.53
N PRO A 301 -32.84 -13.12 -10.81
CA PRO A 301 -31.75 -13.47 -9.92
C PRO A 301 -31.74 -12.71 -8.57
N MET A 302 -31.34 -13.40 -7.51
CA MET A 302 -31.25 -12.81 -6.19
C MET A 302 -29.96 -12.00 -6.16
N ARG A 303 -30.00 -10.80 -5.61
CA ARG A 303 -28.81 -9.96 -5.58
C ARG A 303 -28.36 -9.62 -4.18
N ALA A 304 -27.12 -9.16 -4.08
CA ALA A 304 -26.54 -8.76 -2.81
C ALA A 304 -27.42 -7.72 -2.10
N HIS A 305 -27.44 -7.77 -0.77
CA HIS A 305 -28.20 -6.83 0.05
C HIS A 305 -29.70 -7.10 0.09
N SER A 306 -30.16 -8.13 -0.61
CA SER A 306 -31.58 -8.45 -0.61
C SER A 306 -31.96 -9.27 0.64
N PRO A 307 -33.03 -8.84 1.33
CA PRO A 307 -33.53 -9.49 2.55
C PRO A 307 -33.98 -10.94 2.38
N ILE A 308 -33.69 -11.75 3.40
CA ILE A 308 -34.08 -13.15 3.41
C ILE A 308 -35.10 -13.29 4.53
N LEU A 309 -36.26 -13.88 4.24
CA LEU A 309 -37.29 -14.04 5.27
C LEU A 309 -37.83 -15.45 5.32
N ASN A 310 -38.39 -15.82 6.47
CA ASN A 310 -39.00 -17.15 6.58
C ASN A 310 -40.41 -17.01 6.01
N MET A 311 -41.22 -18.05 6.11
CA MET A 311 -42.58 -18.01 5.57
C MET A 311 -43.49 -17.17 6.47
N GLU A 312 -42.97 -16.76 7.62
CA GLU A 312 -43.76 -15.99 8.57
C GLU A 312 -43.57 -14.49 8.43
N GLY A 313 -43.03 -14.09 7.29
CA GLY A 313 -42.81 -12.67 7.05
C GLY A 313 -41.76 -12.06 7.95
N THR A 314 -40.99 -12.90 8.64
CA THR A 314 -39.95 -12.41 9.53
C THR A 314 -38.61 -12.41 8.83
N LYS A 315 -37.94 -11.25 8.81
CA LYS A 315 -36.64 -11.13 8.17
C LYS A 315 -35.62 -11.90 9.01
N ILE A 316 -34.93 -12.85 8.40
CA ILE A 316 -33.95 -13.63 9.13
C ILE A 316 -32.53 -13.53 8.60
N GLY A 317 -32.32 -12.75 7.54
CA GLY A 317 -30.98 -12.63 7.00
C GLY A 317 -30.85 -11.77 5.75
N THR A 318 -29.72 -11.88 5.09
CA THR A 318 -29.46 -11.11 3.88
C THR A 318 -28.57 -11.83 2.88
N VAL A 319 -28.77 -11.49 1.61
CA VAL A 319 -28.01 -12.05 0.50
C VAL A 319 -26.72 -11.25 0.32
N THR A 320 -25.57 -11.92 0.30
CA THR A 320 -24.31 -11.22 0.12
C THR A 320 -23.82 -11.23 -1.32
N SER A 321 -24.15 -12.29 -2.05
CA SER A 321 -23.75 -12.43 -3.45
C SER A 321 -24.88 -13.10 -4.18
N GLY A 322 -24.90 -12.94 -5.50
CA GLY A 322 -25.94 -13.57 -6.29
C GLY A 322 -25.93 -13.25 -7.77
N CYS A 323 -26.28 -14.24 -8.59
CA CYS A 323 -26.33 -14.07 -10.04
C CYS A 323 -26.83 -15.36 -10.67
N PRO A 324 -27.28 -15.29 -11.93
CA PRO A 324 -27.76 -16.50 -12.60
C PRO A 324 -26.64 -17.51 -12.81
N SER A 325 -26.99 -18.78 -12.84
CA SER A 325 -26.02 -19.83 -13.03
C SER A 325 -26.12 -20.35 -14.45
N PRO A 326 -25.07 -20.13 -15.25
CA PRO A 326 -25.11 -20.61 -16.63
C PRO A 326 -25.14 -22.13 -16.68
N SER A 327 -24.37 -22.75 -15.79
CA SER A 327 -24.28 -24.21 -15.75
C SER A 327 -25.54 -24.92 -15.27
N LEU A 328 -26.28 -24.30 -14.36
CA LEU A 328 -27.48 -24.94 -13.84
C LEU A 328 -28.77 -24.33 -14.35
N LYS A 329 -28.65 -23.22 -15.07
CA LYS A 329 -29.82 -22.52 -15.61
C LYS A 329 -30.81 -22.22 -14.48
N LYS A 330 -30.28 -21.73 -13.37
CA LYS A 330 -31.07 -21.35 -12.20
C LYS A 330 -30.33 -20.17 -11.59
N ASN A 331 -30.86 -19.62 -10.52
CA ASN A 331 -30.20 -18.50 -9.87
C ASN A 331 -29.52 -19.00 -8.60
N VAL A 332 -28.26 -18.61 -8.42
CA VAL A 332 -27.54 -19.01 -7.22
C VAL A 332 -27.15 -17.77 -6.43
N ALA A 333 -27.00 -17.93 -5.13
CA ALA A 333 -26.62 -16.82 -4.26
C ALA A 333 -26.12 -17.33 -2.91
N MET A 334 -25.50 -16.42 -2.16
CA MET A 334 -24.98 -16.72 -0.85
C MET A 334 -25.57 -15.70 0.10
N GLY A 335 -25.83 -16.11 1.33
CA GLY A 335 -26.40 -15.21 2.29
C GLY A 335 -26.29 -15.78 3.69
N TYR A 336 -26.65 -14.97 4.69
CA TYR A 336 -26.59 -15.42 6.07
C TYR A 336 -27.98 -15.62 6.66
N VAL A 337 -28.16 -16.76 7.32
CA VAL A 337 -29.43 -17.08 7.96
C VAL A 337 -29.15 -17.75 9.30
N PRO A 338 -30.12 -17.70 10.22
CA PRO A 338 -29.91 -18.34 11.52
C PRO A 338 -29.67 -19.82 11.32
N CYS A 339 -28.90 -20.44 12.21
CA CYS A 339 -28.58 -21.86 12.08
C CYS A 339 -29.73 -22.83 11.87
N GLU A 340 -30.86 -22.61 12.51
CA GLU A 340 -31.98 -23.52 12.35
C GLU A 340 -32.66 -23.40 10.97
N TYR A 341 -32.17 -22.50 10.12
CA TYR A 341 -32.74 -22.33 8.79
C TYR A 341 -31.73 -22.70 7.72
N SER A 342 -30.56 -23.17 8.14
CA SER A 342 -29.50 -23.50 7.21
C SER A 342 -29.48 -24.90 6.63
N ARG A 343 -30.43 -25.74 7.01
CA ARG A 343 -30.44 -27.09 6.46
C ARG A 343 -30.87 -27.12 5.00
N PRO A 344 -30.07 -27.79 4.14
CA PRO A 344 -30.43 -27.85 2.73
C PRO A 344 -31.85 -28.37 2.55
N GLY A 345 -32.63 -27.72 1.68
CA GLY A 345 -33.99 -28.13 1.44
C GLY A 345 -34.96 -27.15 2.03
N THR A 346 -34.46 -26.33 2.96
CA THR A 346 -35.26 -25.32 3.63
C THR A 346 -35.79 -24.28 2.66
N MET A 347 -37.08 -23.99 2.76
CA MET A 347 -37.72 -22.99 1.90
C MET A 347 -37.69 -21.63 2.59
N LEU A 348 -37.32 -20.61 1.82
CA LEU A 348 -37.25 -19.25 2.34
C LEU A 348 -37.77 -18.27 1.31
N LEU A 349 -37.97 -17.02 1.72
CA LEU A 349 -38.42 -15.99 0.82
C LEU A 349 -37.31 -14.96 0.67
N VAL A 350 -37.02 -14.58 -0.56
CA VAL A 350 -35.98 -13.61 -0.85
C VAL A 350 -36.55 -12.46 -1.66
N GLU A 351 -36.30 -11.24 -1.20
CA GLU A 351 -36.80 -10.06 -1.92
C GLU A 351 -36.00 -9.86 -3.20
N VAL A 352 -36.70 -9.90 -4.33
CA VAL A 352 -36.06 -9.72 -5.63
C VAL A 352 -36.84 -8.67 -6.41
N ARG A 353 -36.19 -7.56 -6.74
CA ARG A 353 -36.84 -6.48 -7.47
C ARG A 353 -38.11 -6.04 -6.75
N ARG A 354 -38.00 -5.85 -5.44
CA ARG A 354 -39.12 -5.41 -4.62
C ARG A 354 -40.27 -6.41 -4.53
N LYS A 355 -39.97 -7.69 -4.65
CA LYS A 355 -40.99 -8.73 -4.59
C LYS A 355 -40.40 -10.01 -4.04
N GLN A 356 -41.11 -10.66 -3.14
CA GLN A 356 -40.60 -11.90 -2.58
C GLN A 356 -40.61 -13.01 -3.61
N GLN A 357 -39.69 -13.94 -3.47
CA GLN A 357 -39.61 -15.08 -4.35
C GLN A 357 -39.28 -16.26 -3.49
N MET A 358 -39.82 -17.42 -3.84
CA MET A 358 -39.56 -18.61 -3.08
C MET A 358 -38.14 -19.05 -3.43
N ALA A 359 -37.38 -19.48 -2.43
CA ALA A 359 -36.02 -19.94 -2.64
C ALA A 359 -35.74 -21.15 -1.77
N VAL A 360 -34.72 -21.93 -2.14
CA VAL A 360 -34.37 -23.11 -1.37
C VAL A 360 -32.90 -23.09 -0.96
N VAL A 361 -32.65 -23.50 0.27
CA VAL A 361 -31.29 -23.55 0.77
C VAL A 361 -30.62 -24.73 0.07
N SER A 362 -29.47 -24.48 -0.52
CA SER A 362 -28.75 -25.53 -1.21
C SER A 362 -27.35 -25.72 -0.67
N LYS A 363 -26.91 -26.96 -0.64
CA LYS A 363 -25.58 -27.27 -0.18
C LYS A 363 -24.63 -26.75 -1.25
N MET A 364 -23.50 -26.19 -0.82
CA MET A 364 -22.50 -25.68 -1.74
C MET A 364 -21.31 -26.64 -1.77
N PRO A 365 -20.59 -26.70 -2.91
CA PRO A 365 -20.79 -25.94 -4.15
C PRO A 365 -22.07 -26.32 -4.89
N PHE A 366 -22.65 -25.36 -5.61
CA PHE A 366 -23.87 -25.63 -6.36
C PHE A 366 -23.54 -26.56 -7.53
N VAL A 367 -22.30 -26.44 -8.05
CA VAL A 367 -21.82 -27.29 -9.14
C VAL A 367 -20.61 -28.07 -8.62
N PRO A 368 -20.69 -29.41 -8.60
CA PRO A 368 -19.59 -30.24 -8.12
C PRO A 368 -18.27 -29.80 -8.73
N THR A 369 -17.21 -29.82 -7.92
CA THR A 369 -15.89 -29.42 -8.39
C THR A 369 -15.13 -30.55 -9.08
N ASN A 370 -14.03 -30.21 -9.75
CA ASN A 370 -13.24 -31.21 -10.46
C ASN A 370 -11.76 -31.01 -10.21
N TYR A 371 -11.40 -30.77 -8.97
CA TYR A 371 -10.00 -30.57 -8.65
C TYR A 371 -9.28 -31.87 -8.97
N TYR A 372 -7.98 -31.74 -9.26
CA TYR A 372 -7.15 -32.89 -9.58
C TYR A 372 -6.39 -33.32 -8.35
N THR A 373 -6.84 -34.40 -7.73
CA THR A 373 -6.19 -34.93 -6.54
C THR A 373 -5.83 -36.39 -6.80
N LEU A 374 -4.84 -36.89 -6.06
CA LEU A 374 -4.38 -38.26 -6.21
C LEU A 374 -5.26 -39.23 -5.41
N VAL B 4 -5.45 -0.90 16.31
CA VAL B 4 -5.84 -0.06 15.15
C VAL B 4 -4.67 0.79 14.63
N LEU B 5 -4.17 1.71 15.46
CA LEU B 5 -3.05 2.54 15.03
C LEU B 5 -1.77 1.72 14.94
N ARG B 6 -0.99 1.97 13.89
CA ARG B 6 0.27 1.27 13.67
C ARG B 6 1.34 1.86 14.59
N ARG B 7 2.25 1.02 15.06
CA ARG B 7 3.30 1.47 15.95
C ARG B 7 4.67 1.41 15.29
N THR B 8 5.56 2.29 15.74
CA THR B 8 6.91 2.32 15.22
C THR B 8 7.73 1.59 16.28
N PRO B 9 8.93 1.12 15.92
CA PRO B 9 9.81 0.40 16.85
C PRO B 9 10.10 1.17 18.14
N LEU B 10 9.87 2.49 18.13
CA LEU B 10 10.11 3.27 19.33
C LEU B 10 8.83 3.57 20.12
N TYR B 11 7.77 2.81 19.85
CA TYR B 11 6.49 3.00 20.53
C TYR B 11 6.65 3.09 22.06
N ASP B 12 7.10 2.01 22.69
CA ASP B 12 7.30 1.98 24.12
C ASP B 12 8.23 3.09 24.58
N PHE B 13 9.28 3.30 23.80
CA PHE B 13 10.26 4.33 24.09
C PHE B 13 9.56 5.66 24.35
N HIS B 14 8.60 5.99 23.49
CA HIS B 14 7.85 7.25 23.65
C HIS B 14 7.02 7.21 24.93
N LEU B 15 6.27 6.13 25.12
CA LEU B 15 5.44 5.98 26.31
C LEU B 15 6.28 6.14 27.58
N ALA B 16 7.50 5.63 27.56
CA ALA B 16 8.37 5.73 28.74
C ALA B 16 8.94 7.12 28.96
N HIS B 17 8.96 7.96 27.93
CA HIS B 17 9.52 9.30 28.08
C HIS B 17 8.50 10.44 28.11
N GLY B 18 7.26 10.12 28.47
CA GLY B 18 6.24 11.14 28.55
C GLY B 18 5.67 11.53 27.19
N GLY B 19 5.70 10.59 26.24
CA GLY B 19 5.17 10.88 24.92
C GLY B 19 3.66 10.89 24.90
N LYS B 20 3.07 11.99 24.44
CA LYS B 20 1.63 12.09 24.36
C LYS B 20 1.19 11.67 22.95
N MET B 21 0.86 10.40 22.82
CA MET B 21 0.45 9.82 21.56
C MET B 21 -0.81 10.38 20.94
N VAL B 22 -0.82 10.42 19.62
CA VAL B 22 -1.96 10.90 18.86
C VAL B 22 -2.00 10.11 17.56
N ALA B 23 -3.10 10.24 16.83
CA ALA B 23 -3.25 9.56 15.56
C ALA B 23 -2.66 10.49 14.51
N PHE B 24 -1.79 9.93 13.67
CA PHE B 24 -1.16 10.68 12.60
C PHE B 24 -0.89 9.71 11.47
N ALA B 25 -1.57 9.92 10.34
CA ALA B 25 -1.44 9.08 9.16
C ALA B 25 -1.66 7.61 9.52
N GLY B 26 -2.51 7.37 10.51
CA GLY B 26 -2.80 6.01 10.92
C GLY B 26 -1.77 5.43 11.89
N TRP B 27 -0.84 6.28 12.33
CA TRP B 27 0.18 5.85 13.26
C TRP B 27 -0.04 6.47 14.62
N SER B 28 0.63 5.91 15.62
CA SER B 28 0.57 6.45 16.97
C SER B 28 1.94 7.09 17.18
N LEU B 29 1.96 8.41 17.30
CA LEU B 29 3.21 9.14 17.49
C LEU B 29 2.99 10.22 18.50
N PRO B 30 4.06 10.66 19.20
CA PRO B 30 3.91 11.72 20.20
C PRO B 30 3.79 13.11 19.58
N VAL B 31 2.71 13.80 19.90
CA VAL B 31 2.48 15.15 19.39
C VAL B 31 3.51 16.02 20.09
N GLN B 32 3.92 15.56 21.27
CA GLN B 32 4.92 16.22 22.09
C GLN B 32 5.20 15.34 23.30
N TYR B 33 6.12 15.79 24.14
CA TYR B 33 6.47 15.04 25.33
C TYR B 33 6.15 15.84 26.59
N ARG B 34 7.09 15.91 27.52
CA ARG B 34 6.89 16.65 28.77
C ARG B 34 6.92 18.16 28.55
N ASP B 35 7.91 18.64 27.81
CA ASP B 35 8.04 20.07 27.55
C ASP B 35 7.06 20.49 26.46
N SER B 36 6.55 21.72 26.58
CA SER B 36 5.62 22.24 25.59
C SER B 36 6.31 22.20 24.24
N HIS B 37 5.55 22.20 23.15
CA HIS B 37 6.15 22.15 21.83
C HIS B 37 6.94 23.42 21.53
N THR B 38 6.48 24.56 22.02
CA THR B 38 7.22 25.80 21.78
C THR B 38 8.61 25.74 22.42
N ASP B 39 8.73 25.07 23.56
CA ASP B 39 10.02 24.94 24.23
C ASP B 39 10.86 23.91 23.49
N SER B 40 10.21 22.85 23.01
CA SER B 40 10.87 21.80 22.28
C SER B 40 11.43 22.38 20.98
N HIS B 41 10.67 23.33 20.42
CA HIS B 41 11.04 24.03 19.19
C HIS B 41 12.32 24.80 19.41
N LEU B 42 12.27 25.76 20.34
CA LEU B 42 13.42 26.59 20.67
C LEU B 42 14.64 25.75 21.02
N HIS B 43 14.41 24.65 21.72
CA HIS B 43 15.51 23.76 22.10
C HIS B 43 16.17 23.20 20.86
N THR B 44 15.38 22.88 19.84
CA THR B 44 15.91 22.31 18.62
C THR B 44 16.82 23.27 17.86
N ARG B 45 16.48 24.56 17.88
CA ARG B 45 17.28 25.55 17.18
C ARG B 45 18.53 25.99 17.94
N GLN B 46 18.68 25.51 19.17
CA GLN B 46 19.84 25.88 20.00
C GLN B 46 20.73 24.71 20.41
N HIS B 47 20.22 23.49 20.28
CA HIS B 47 20.99 22.29 20.65
C HIS B 47 20.76 21.20 19.62
N CYS B 48 19.72 20.40 19.84
CA CYS B 48 19.34 19.34 18.92
C CYS B 48 18.28 18.46 19.55
N SER B 49 17.37 17.96 18.73
CA SER B 49 16.28 17.13 19.20
C SER B 49 16.21 15.84 18.41
N LEU B 50 15.59 14.82 19.00
CA LEU B 50 15.45 13.53 18.35
C LEU B 50 14.02 13.32 17.88
N PHE B 51 13.86 13.03 16.60
CA PHE B 51 12.54 12.82 16.02
C PHE B 51 12.40 11.40 15.52
N ASP B 52 11.25 10.81 15.79
CA ASP B 52 10.97 9.46 15.32
C ASP B 52 10.12 9.62 14.06
N VAL B 53 10.73 9.38 12.91
CA VAL B 53 10.02 9.52 11.64
C VAL B 53 9.98 8.20 10.89
N SER B 54 9.82 7.12 11.65
CA SER B 54 9.78 5.76 11.12
C SER B 54 8.53 5.43 10.30
N HIS B 55 7.51 6.26 10.43
CA HIS B 55 6.26 6.04 9.71
C HIS B 55 6.37 6.38 8.23
N MET B 56 7.41 7.13 7.86
CA MET B 56 7.62 7.51 6.47
C MET B 56 8.04 6.31 5.63
N LEU B 57 7.60 6.29 4.37
CA LEU B 57 7.92 5.20 3.47
C LEU B 57 9.37 5.22 2.98
N GLN B 58 10.09 4.13 3.22
CA GLN B 58 11.48 4.00 2.77
C GLN B 58 11.54 2.89 1.74
N THR B 59 11.98 3.22 0.53
CA THR B 59 12.05 2.23 -0.53
C THR B 59 13.39 2.23 -1.24
N LYS B 60 13.69 1.12 -1.90
CA LYS B 60 14.94 0.99 -2.65
C LYS B 60 14.63 0.65 -4.09
N ILE B 61 15.22 1.38 -5.02
CA ILE B 61 15.01 1.12 -6.44
C ILE B 61 16.26 0.40 -6.92
N LEU B 62 16.11 -0.90 -7.16
CA LEU B 62 17.22 -1.73 -7.58
C LEU B 62 17.25 -1.84 -9.10
N GLY B 63 18.36 -2.33 -9.63
CA GLY B 63 18.46 -2.50 -11.07
C GLY B 63 19.38 -1.53 -11.80
N SER B 64 19.89 -1.97 -12.94
CA SER B 64 20.77 -1.15 -13.74
C SER B 64 20.03 0.02 -14.37
N ASP B 65 18.71 -0.10 -14.45
CA ASP B 65 17.87 0.96 -15.02
C ASP B 65 17.09 1.71 -13.95
N ARG B 66 17.56 1.66 -12.70
CA ARG B 66 16.86 2.33 -11.61
C ARG B 66 16.65 3.82 -11.87
N VAL B 67 17.71 4.50 -12.28
CA VAL B 67 17.64 5.92 -12.55
C VAL B 67 16.59 6.23 -13.61
N LYS B 68 16.50 5.41 -14.65
CA LYS B 68 15.52 5.65 -15.69
C LYS B 68 14.11 5.56 -15.11
N LEU B 69 13.87 4.57 -14.27
CA LEU B 69 12.56 4.41 -13.67
C LEU B 69 12.18 5.63 -12.85
N MET B 70 13.09 6.05 -11.97
CA MET B 70 12.84 7.19 -11.12
C MET B 70 12.59 8.48 -11.91
N GLU B 71 13.40 8.73 -12.95
CA GLU B 71 13.22 9.96 -13.73
C GLU B 71 11.95 9.96 -14.56
N SER B 72 11.31 8.80 -14.69
CA SER B 72 10.07 8.75 -15.45
C SER B 72 8.92 9.12 -14.50
N LEU B 73 9.26 9.35 -13.23
CA LEU B 73 8.28 9.69 -12.22
C LEU B 73 8.56 11.02 -11.52
N VAL B 74 9.82 11.42 -11.47
CA VAL B 74 10.18 12.67 -10.80
C VAL B 74 10.70 13.74 -11.74
N VAL B 75 10.78 14.96 -11.23
CA VAL B 75 11.21 16.11 -12.01
C VAL B 75 12.70 16.43 -11.94
N GLY B 76 13.41 15.77 -11.03
CA GLY B 76 14.83 16.07 -10.89
C GLY B 76 15.82 15.40 -11.83
N ASP B 77 17.03 15.93 -11.81
CA ASP B 77 18.14 15.41 -12.60
C ASP B 77 18.79 14.34 -11.73
N ILE B 78 18.23 13.13 -11.77
CA ILE B 78 18.75 12.04 -10.97
C ILE B 78 20.09 11.50 -11.46
N ALA B 79 20.22 11.33 -12.77
CA ALA B 79 21.46 10.81 -13.34
C ALA B 79 22.68 11.61 -12.93
N GLU B 80 22.57 12.94 -12.97
CA GLU B 80 23.66 13.83 -12.60
C GLU B 80 24.15 13.63 -11.17
N LEU B 81 23.31 13.05 -10.32
CA LEU B 81 23.67 12.81 -8.93
C LEU B 81 24.92 11.96 -8.75
N ARG B 82 25.83 12.46 -7.93
CA ARG B 82 27.07 11.76 -7.63
C ARG B 82 26.78 10.69 -6.60
N PRO B 83 27.70 9.72 -6.44
CA PRO B 83 27.50 8.66 -5.46
C PRO B 83 27.19 9.16 -4.04
N ASN B 84 26.20 8.54 -3.41
CA ASN B 84 25.79 8.88 -2.05
C ASN B 84 25.30 10.31 -1.93
N GLN B 85 24.84 10.86 -3.04
CA GLN B 85 24.34 12.22 -3.08
C GLN B 85 22.83 12.14 -3.30
N GLY B 86 22.08 13.01 -2.64
CA GLY B 86 20.63 12.99 -2.80
C GLY B 86 19.99 14.36 -2.95
N THR B 87 18.71 14.38 -3.27
CA THR B 87 18.02 15.64 -3.47
C THR B 87 16.53 15.50 -3.22
N LEU B 88 15.91 16.62 -2.92
CA LEU B 88 14.48 16.67 -2.73
C LEU B 88 13.93 16.60 -4.14
N SER B 89 12.81 15.92 -4.33
CA SER B 89 12.24 15.84 -5.66
C SER B 89 10.73 15.74 -5.58
N LEU B 90 10.07 15.60 -6.72
CA LEU B 90 8.63 15.52 -6.72
C LEU B 90 8.08 14.48 -7.68
N PHE B 91 6.95 13.89 -7.31
CA PHE B 91 6.25 12.93 -8.14
C PHE B 91 5.15 13.76 -8.77
N THR B 92 5.10 13.79 -10.10
CA THR B 92 4.07 14.57 -10.76
C THR B 92 3.17 13.71 -11.63
N ASN B 93 2.01 14.24 -11.98
CA ASN B 93 1.08 13.54 -12.85
C ASN B 93 1.08 14.30 -14.17
N GLU B 94 0.37 13.75 -15.16
CA GLU B 94 0.31 14.37 -16.48
C GLU B 94 -0.24 15.80 -16.48
N ALA B 95 -1.06 16.13 -15.49
CA ALA B 95 -1.63 17.46 -15.40
C ALA B 95 -0.63 18.45 -14.79
N GLY B 96 0.46 17.93 -14.27
CA GLY B 96 1.45 18.82 -13.69
C GLY B 96 1.37 18.94 -12.18
N GLY B 97 0.34 18.33 -11.60
CA GLY B 97 0.16 18.36 -10.17
C GLY B 97 1.23 17.55 -9.45
N ILE B 98 1.29 17.68 -8.13
CA ILE B 98 2.27 16.97 -7.33
C ILE B 98 1.63 15.82 -6.55
N LEU B 99 2.15 14.61 -6.76
CA LEU B 99 1.63 13.44 -6.09
C LEU B 99 2.27 13.30 -4.70
N ASP B 100 3.51 13.75 -4.59
CA ASP B 100 4.20 13.71 -3.31
C ASP B 100 5.61 14.26 -3.45
N ASP B 101 6.15 14.76 -2.35
CA ASP B 101 7.52 15.24 -2.36
C ASP B 101 8.32 14.14 -1.68
N LEU B 102 9.59 14.01 -2.03
CA LEU B 102 10.42 12.95 -1.48
C LEU B 102 11.89 13.31 -1.59
N ILE B 103 12.73 12.48 -0.99
CA ILE B 103 14.16 12.67 -1.06
C ILE B 103 14.69 11.37 -1.66
N VAL B 104 15.43 11.49 -2.75
CA VAL B 104 15.99 10.31 -3.41
C VAL B 104 17.50 10.40 -3.42
N THR B 105 18.17 9.32 -3.02
CA THR B 105 19.62 9.30 -2.98
C THR B 105 20.23 8.24 -3.87
N ASN B 106 21.22 8.67 -4.66
CA ASN B 106 21.94 7.78 -5.58
C ASN B 106 23.06 7.14 -4.76
N THR B 107 22.73 6.06 -4.04
CA THR B 107 23.74 5.41 -3.21
C THR B 107 24.78 4.67 -4.03
N SER B 108 25.89 4.33 -3.36
CA SER B 108 26.98 3.61 -3.98
C SER B 108 26.77 2.09 -3.96
N GLU B 109 25.72 1.65 -3.27
CA GLU B 109 25.42 0.21 -3.19
C GLU B 109 24.61 -0.20 -4.42
N GLY B 110 24.72 0.56 -5.50
CA GLY B 110 23.99 0.23 -6.71
C GLY B 110 22.46 0.29 -6.59
N HIS B 111 21.96 1.08 -5.65
CA HIS B 111 20.52 1.22 -5.49
C HIS B 111 20.12 2.63 -5.09
N LEU B 112 18.89 3.01 -5.43
CA LEU B 112 18.39 4.33 -5.06
C LEU B 112 17.67 4.24 -3.72
N TYR B 113 17.96 5.16 -2.83
CA TYR B 113 17.34 5.20 -1.52
C TYR B 113 16.28 6.32 -1.53
N VAL B 114 15.02 5.92 -1.62
CA VAL B 114 13.90 6.87 -1.68
C VAL B 114 13.07 6.95 -0.40
N VAL B 115 12.83 8.17 0.08
CA VAL B 115 12.04 8.36 1.29
C VAL B 115 10.90 9.34 1.03
N SER B 116 9.67 8.86 1.15
CA SER B 116 8.50 9.70 0.90
C SER B 116 7.54 9.73 2.09
N ASN B 117 6.57 10.64 2.04
CA ASN B 117 5.61 10.82 3.12
C ASN B 117 4.79 9.62 3.55
N ALA B 118 4.62 9.49 4.86
CA ALA B 118 3.87 8.40 5.47
C ALA B 118 2.39 8.40 5.05
N GLY B 119 1.83 9.59 4.87
CA GLY B 119 0.43 9.69 4.48
C GLY B 119 0.19 9.36 3.02
N CYS B 120 1.27 9.14 2.27
CA CYS B 120 1.14 8.83 0.84
C CYS B 120 1.70 7.47 0.45
N TRP B 121 2.09 6.66 1.43
CA TRP B 121 2.69 5.38 1.09
C TRP B 121 1.87 4.50 0.16
N GLU B 122 0.56 4.43 0.34
CA GLU B 122 -0.24 3.61 -0.57
C GLU B 122 -0.19 4.19 -1.98
N LYS B 123 -0.37 5.50 -2.08
CA LYS B 123 -0.34 6.17 -3.37
C LYS B 123 1.02 5.97 -4.01
N ASP B 124 2.06 6.31 -3.24
CA ASP B 124 3.45 6.22 -3.69
C ASP B 124 3.93 4.82 -4.05
N LEU B 125 3.65 3.84 -3.21
CA LEU B 125 4.10 2.49 -3.47
C LEU B 125 3.47 1.92 -4.74
N ALA B 126 2.20 2.22 -4.96
CA ALA B 126 1.49 1.75 -6.13
C ALA B 126 2.12 2.38 -7.36
N LEU B 127 2.33 3.69 -7.29
CA LEU B 127 2.91 4.44 -8.39
C LEU B 127 4.21 3.81 -8.87
N MET B 128 5.14 3.56 -7.95
CA MET B 128 6.42 2.99 -8.31
C MET B 128 6.32 1.51 -8.70
N GLN B 129 5.59 0.74 -7.90
CA GLN B 129 5.40 -0.68 -8.20
C GLN B 129 4.86 -0.83 -9.62
N ASP B 130 3.92 0.03 -9.99
CA ASP B 130 3.34 -0.01 -11.33
C ASP B 130 4.36 0.36 -12.40
N LYS B 131 5.23 1.30 -12.08
CA LYS B 131 6.24 1.74 -13.05
C LYS B 131 7.28 0.66 -13.22
N VAL B 132 7.71 0.05 -12.13
CA VAL B 132 8.69 -1.02 -12.21
C VAL B 132 8.20 -2.04 -13.24
N ARG B 133 6.96 -2.49 -13.06
CA ARG B 133 6.37 -3.46 -13.97
C ARG B 133 6.36 -2.95 -15.41
N GLU B 134 5.74 -1.80 -15.62
CA GLU B 134 5.64 -1.19 -16.94
C GLU B 134 7.02 -1.16 -17.61
N LEU B 135 8.05 -0.96 -16.80
CA LEU B 135 9.42 -0.89 -17.30
C LEU B 135 9.97 -2.26 -17.69
N GLN B 136 9.70 -3.26 -16.86
CA GLN B 136 10.16 -4.61 -17.14
C GLN B 136 9.42 -5.13 -18.37
N ASN B 137 8.15 -4.72 -18.50
CA ASN B 137 7.33 -5.14 -19.63
C ASN B 137 7.96 -4.66 -20.93
N GLN B 138 8.90 -3.72 -20.81
CA GLN B 138 9.61 -3.19 -21.97
C GLN B 138 11.03 -3.72 -22.01
N GLY B 139 11.29 -4.73 -21.18
CA GLY B 139 12.59 -5.36 -21.14
C GLY B 139 13.75 -4.54 -20.61
N ARG B 140 13.75 -4.27 -19.30
CA ARG B 140 14.84 -3.53 -18.67
C ARG B 140 15.00 -4.04 -17.24
N ASP B 141 16.17 -3.82 -16.66
CA ASP B 141 16.47 -4.28 -15.30
C ASP B 141 16.04 -3.27 -14.24
N VAL B 142 15.06 -3.66 -13.42
CA VAL B 142 14.58 -2.78 -12.37
C VAL B 142 13.81 -3.53 -11.30
N GLY B 143 13.99 -3.11 -10.06
CA GLY B 143 13.31 -3.74 -8.95
C GLY B 143 12.98 -2.74 -7.85
N LEU B 144 11.93 -3.04 -7.11
CA LEU B 144 11.48 -2.18 -6.03
C LEU B 144 11.46 -2.99 -4.74
N GLU B 145 11.85 -2.34 -3.65
CA GLU B 145 11.88 -3.03 -2.38
C GLU B 145 11.63 -2.07 -1.23
N VAL B 146 10.74 -2.45 -0.33
CA VAL B 146 10.41 -1.60 0.82
C VAL B 146 11.31 -1.98 1.98
N LEU B 147 11.82 -0.97 2.67
CA LEU B 147 12.69 -1.20 3.81
C LEU B 147 11.92 -1.34 5.12
N ASP B 148 12.45 -2.14 6.04
CA ASP B 148 11.82 -2.36 7.33
C ASP B 148 12.44 -1.43 8.36
N ASN B 149 13.63 -0.94 8.05
CA ASN B 149 14.38 -0.05 8.94
C ASN B 149 13.55 1.02 9.62
N ALA B 150 13.95 1.39 10.83
CA ALA B 150 13.30 2.46 11.57
C ALA B 150 13.97 3.72 11.05
N LEU B 151 13.44 4.90 11.37
CA LEU B 151 14.05 6.12 10.89
C LEU B 151 14.06 7.20 11.95
N LEU B 152 15.26 7.65 12.31
CA LEU B 152 15.37 8.67 13.34
C LEU B 152 15.95 9.94 12.75
N ALA B 153 15.58 11.07 13.33
CA ALA B 153 16.06 12.35 12.86
C ALA B 153 16.65 13.17 14.00
N LEU B 154 17.95 13.45 13.92
CA LEU B 154 18.62 14.25 14.94
C LEU B 154 18.90 15.58 14.27
N GLN B 155 18.25 16.63 14.76
CA GLN B 155 18.36 17.94 14.16
C GLN B 155 18.75 19.05 15.13
N GLY B 156 19.64 19.94 14.67
CA GLY B 156 20.07 21.05 15.49
C GLY B 156 21.56 21.35 15.40
N PRO B 157 21.99 22.53 15.86
CA PRO B 157 23.42 22.91 15.82
C PRO B 157 24.39 21.91 16.45
N THR B 158 24.02 21.30 17.58
CA THR B 158 24.91 20.33 18.23
C THR B 158 24.63 18.89 17.83
N ALA B 159 23.68 18.68 16.93
CA ALA B 159 23.33 17.35 16.48
C ALA B 159 24.53 16.53 15.99
N ALA B 160 25.38 17.13 15.16
CA ALA B 160 26.54 16.44 14.63
C ALA B 160 27.48 15.98 15.75
N GLN B 161 27.85 16.90 16.64
CA GLN B 161 28.73 16.57 17.75
C GLN B 161 28.21 15.30 18.43
N VAL B 162 26.94 15.35 18.83
CA VAL B 162 26.30 14.23 19.49
C VAL B 162 26.51 12.92 18.75
N LEU B 163 26.05 12.86 17.50
CA LEU B 163 26.19 11.64 16.71
C LEU B 163 27.66 11.25 16.52
N GLN B 164 28.54 12.25 16.45
CA GLN B 164 29.94 12.00 16.23
C GLN B 164 30.50 11.03 17.27
N ALA B 165 30.03 11.16 18.51
CA ALA B 165 30.46 10.29 19.59
C ALA B 165 30.24 8.82 19.28
N GLY B 166 29.21 8.52 18.49
CA GLY B 166 28.91 7.13 18.18
C GLY B 166 29.28 6.64 16.80
N VAL B 167 30.00 7.46 16.04
CA VAL B 167 30.42 7.09 14.69
C VAL B 167 31.92 7.26 14.55
N ALA B 168 32.54 6.37 13.78
CA ALA B 168 33.98 6.42 13.58
C ALA B 168 34.35 7.23 12.35
N ASP B 169 33.33 7.71 11.63
CA ASP B 169 33.59 8.49 10.42
C ASP B 169 33.67 9.98 10.75
N ASP B 170 34.28 10.73 9.83
CA ASP B 170 34.43 12.16 10.00
C ASP B 170 33.18 12.85 9.43
N LEU B 171 32.22 13.14 10.29
CA LEU B 171 31.00 13.77 9.86
C LEU B 171 31.26 15.06 9.11
N ARG B 172 32.44 15.63 9.32
CA ARG B 172 32.81 16.86 8.63
C ARG B 172 32.96 16.58 7.13
N LYS B 173 32.94 15.30 6.77
CA LYS B 173 33.09 14.92 5.36
C LYS B 173 31.75 14.43 4.80
N LEU B 174 30.69 14.61 5.56
CA LEU B 174 29.35 14.22 5.12
C LEU B 174 28.52 15.49 4.98
N PRO B 175 28.67 16.20 3.85
CA PRO B 175 27.97 17.44 3.52
C PRO B 175 26.46 17.26 3.36
N PHE B 176 25.74 18.36 3.54
CA PHE B 176 24.29 18.35 3.40
C PHE B 176 23.89 17.59 2.14
N MET B 177 22.93 16.69 2.30
CA MET B 177 22.40 15.88 1.22
C MET B 177 23.28 14.75 0.69
N THR B 178 24.15 14.23 1.54
CA THR B 178 24.99 13.09 1.15
C THR B 178 24.82 12.10 2.29
N SER B 179 25.03 10.82 2.02
CA SER B 179 24.87 9.84 3.08
C SER B 179 25.94 8.77 3.02
N ALA B 180 25.92 7.91 4.02
CA ALA B 180 26.90 6.84 4.09
C ALA B 180 26.44 5.77 5.05
N VAL B 181 26.82 4.53 4.75
CA VAL B 181 26.49 3.40 5.58
C VAL B 181 27.54 3.37 6.68
N MET B 182 27.11 3.37 7.93
CA MET B 182 28.04 3.33 9.04
C MET B 182 27.45 2.72 10.29
N GLU B 183 28.32 2.29 11.19
CA GLU B 183 27.89 1.68 12.43
C GLU B 183 27.66 2.78 13.46
N VAL B 184 26.42 2.94 13.90
CA VAL B 184 26.13 3.97 14.87
C VAL B 184 25.87 3.38 16.25
N PHE B 185 26.63 3.86 17.23
CA PHE B 185 26.54 3.38 18.60
C PHE B 185 26.39 1.86 18.69
N GLY B 186 27.25 1.15 17.98
CA GLY B 186 27.22 -0.31 18.02
C GLY B 186 26.34 -0.98 16.99
N VAL B 187 25.27 -0.31 16.57
CA VAL B 187 24.35 -0.85 15.60
C VAL B 187 24.93 -0.73 14.20
N SER B 188 25.27 -1.88 13.59
CA SER B 188 25.84 -1.87 12.26
C SER B 188 24.82 -1.85 11.13
N GLY B 189 25.25 -1.37 9.98
CA GLY B 189 24.37 -1.32 8.83
C GLY B 189 23.41 -0.15 8.79
N CYS B 190 23.74 0.93 9.50
CA CYS B 190 22.88 2.10 9.51
C CYS B 190 23.15 3.03 8.34
N ARG B 191 22.13 3.80 7.98
CA ARG B 191 22.24 4.76 6.88
C ARG B 191 22.20 6.14 7.50
N VAL B 192 23.27 6.90 7.36
CA VAL B 192 23.28 8.24 7.93
C VAL B 192 23.26 9.23 6.79
N THR B 193 22.22 10.05 6.75
CA THR B 193 22.08 11.04 5.70
C THR B 193 22.05 12.44 6.29
N ARG B 194 22.87 13.33 5.76
CA ARG B 194 22.92 14.70 6.24
C ARG B 194 21.73 15.44 5.66
N CYS B 195 20.57 15.24 6.26
CA CYS B 195 19.36 15.89 5.78
C CYS B 195 18.41 16.13 6.93
N GLY B 196 17.37 16.93 6.69
CA GLY B 196 16.43 17.23 7.74
C GLY B 196 15.17 17.90 7.24
N TYR B 197 14.32 18.28 8.17
CA TYR B 197 13.05 18.91 7.83
C TYR B 197 12.85 19.99 8.87
N THR B 198 13.95 20.57 9.34
CA THR B 198 13.88 21.58 10.38
C THR B 198 14.51 22.92 10.01
N GLY B 199 15.38 22.89 9.01
CA GLY B 199 16.07 24.11 8.61
C GLY B 199 17.44 24.17 9.26
N GLU B 200 17.62 23.44 10.36
CA GLU B 200 18.90 23.41 11.06
C GLU B 200 19.79 22.33 10.46
N ASP B 201 21.00 22.18 10.99
CA ASP B 201 21.87 21.14 10.51
C ASP B 201 21.35 19.89 11.18
N GLY B 202 21.65 18.73 10.63
CA GLY B 202 21.16 17.51 11.23
C GLY B 202 21.37 16.29 10.38
N VAL B 203 20.86 15.16 10.85
CA VAL B 203 20.99 13.91 10.12
C VAL B 203 19.76 13.06 10.31
N GLU B 204 19.69 12.00 9.53
CA GLU B 204 18.62 11.05 9.63
C GLU B 204 19.30 9.69 9.59
N ILE B 205 18.95 8.83 10.53
CA ILE B 205 19.54 7.51 10.63
C ILE B 205 18.55 6.38 10.32
N SER B 206 18.74 5.73 9.18
CA SER B 206 17.90 4.61 8.78
C SER B 206 18.50 3.34 9.40
N VAL B 207 18.01 2.98 10.57
CA VAL B 207 18.51 1.84 11.31
C VAL B 207 17.60 0.62 11.35
N PRO B 208 18.21 -0.58 11.37
CA PRO B 208 17.44 -1.83 11.40
C PRO B 208 16.60 -1.87 12.69
N VAL B 209 15.37 -2.37 12.58
CA VAL B 209 14.46 -2.45 13.70
C VAL B 209 15.08 -2.95 15.00
N ALA B 210 15.80 -4.07 14.93
CA ALA B 210 16.43 -4.63 16.11
C ALA B 210 17.26 -3.62 16.92
N GLY B 211 17.97 -2.73 16.22
CA GLY B 211 18.81 -1.76 16.91
C GLY B 211 18.19 -0.42 17.22
N ALA B 212 17.02 -0.14 16.65
CA ALA B 212 16.31 1.12 16.84
C ALA B 212 16.29 1.69 18.25
N VAL B 213 15.69 0.96 19.20
CA VAL B 213 15.64 1.43 20.58
C VAL B 213 17.03 1.67 21.17
N HIS B 214 17.96 0.78 20.84
CA HIS B 214 19.32 0.94 21.35
C HIS B 214 19.92 2.27 20.88
N LEU B 215 19.73 2.56 19.60
CA LEU B 215 20.25 3.79 19.00
C LEU B 215 19.66 5.04 19.64
N ALA B 216 18.34 5.05 19.79
CA ALA B 216 17.65 6.18 20.39
C ALA B 216 18.12 6.40 21.83
N THR B 217 18.26 5.30 22.57
CA THR B 217 18.70 5.38 23.96
C THR B 217 20.11 5.95 24.04
N ALA B 218 20.98 5.41 23.19
CA ALA B 218 22.36 5.86 23.13
C ALA B 218 22.38 7.36 22.84
N ILE B 219 21.71 7.76 21.77
CA ILE B 219 21.67 9.17 21.41
C ILE B 219 21.09 10.02 22.54
N LEU B 220 20.05 9.51 23.19
CA LEU B 220 19.42 10.28 24.25
C LEU B 220 20.25 10.44 25.51
N LYS B 221 21.26 9.58 25.68
CA LYS B 221 22.13 9.65 26.86
C LYS B 221 22.82 11.01 26.95
N ASN B 222 22.98 11.67 25.81
CA ASN B 222 23.63 12.97 25.78
C ASN B 222 22.68 14.06 26.27
N PRO B 223 23.18 14.94 27.15
CA PRO B 223 22.39 16.04 27.71
C PRO B 223 22.00 17.13 26.71
N GLU B 224 22.57 17.08 25.51
CA GLU B 224 22.26 18.06 24.47
C GLU B 224 20.96 17.65 23.77
N VAL B 225 20.67 16.36 23.82
CA VAL B 225 19.48 15.81 23.16
C VAL B 225 18.20 15.80 23.99
N LYS B 226 17.11 16.18 23.33
CA LYS B 226 15.78 16.20 23.93
C LYS B 226 14.83 15.70 22.84
N LEU B 227 13.90 14.85 23.20
CA LEU B 227 12.95 14.33 22.22
C LEU B 227 11.98 15.44 21.81
N ALA B 228 11.47 15.33 20.59
CA ALA B 228 10.53 16.30 20.04
C ALA B 228 9.43 15.56 19.29
N GLY B 229 8.21 16.07 19.40
CA GLY B 229 7.08 15.44 18.73
C GLY B 229 6.62 16.15 17.49
N LEU B 230 5.51 15.67 16.94
CA LEU B 230 4.91 16.21 15.73
C LEU B 230 4.74 17.75 15.73
N ALA B 231 4.15 18.26 16.79
CA ALA B 231 3.90 19.69 16.92
C ALA B 231 5.13 20.55 16.64
N ALA B 232 6.24 20.23 17.29
CA ALA B 232 7.47 21.00 17.07
C ALA B 232 8.01 20.73 15.68
N ARG B 233 7.82 19.50 15.20
CA ARG B 233 8.30 19.16 13.87
C ARG B 233 7.65 20.08 12.84
N ASP B 234 6.37 20.38 13.03
CA ASP B 234 5.64 21.21 12.10
C ASP B 234 6.00 22.68 12.18
N SER B 235 6.19 23.19 13.39
CA SER B 235 6.54 24.60 13.52
C SER B 235 7.96 24.88 13.02
N LEU B 236 8.86 23.90 13.15
CA LEU B 236 10.23 24.08 12.70
C LEU B 236 10.28 24.12 11.18
N ARG B 237 9.65 23.14 10.55
CA ARG B 237 9.63 23.06 9.10
C ARG B 237 8.97 24.27 8.45
N LEU B 238 7.94 24.83 9.07
CA LEU B 238 7.29 25.99 8.49
C LEU B 238 8.24 27.19 8.50
N GLU B 239 8.90 27.43 9.64
CA GLU B 239 9.85 28.53 9.73
C GLU B 239 10.93 28.36 8.68
N ALA B 240 11.31 27.12 8.41
CA ALA B 240 12.35 26.81 7.43
C ALA B 240 11.82 26.97 6.01
N GLY B 241 10.51 27.17 5.90
CA GLY B 241 9.89 27.36 4.60
C GLY B 241 9.73 26.08 3.80
N LEU B 242 9.75 24.95 4.48
CA LEU B 242 9.63 23.67 3.80
C LEU B 242 8.17 23.33 3.61
N CYS B 243 7.85 22.69 2.48
CA CYS B 243 6.48 22.32 2.19
C CYS B 243 6.00 21.11 2.96
N LEU B 244 4.71 21.12 3.26
CA LEU B 244 4.06 20.02 3.95
C LEU B 244 3.05 19.47 2.94
N TYR B 245 3.42 18.41 2.23
CA TYR B 245 2.53 17.83 1.23
C TYR B 245 1.13 17.58 1.79
N GLY B 246 0.13 17.91 1.00
CA GLY B 246 -1.23 17.73 1.44
C GLY B 246 -1.78 19.04 1.96
N ASN B 247 -0.89 19.99 2.22
CA ASN B 247 -1.26 21.30 2.70
C ASN B 247 -0.76 22.40 1.76
N ASP B 248 0.55 22.60 1.75
CA ASP B 248 1.14 23.64 0.94
C ASP B 248 1.22 23.27 -0.53
N ILE B 249 1.19 21.96 -0.80
CA ILE B 249 1.20 21.48 -2.17
C ILE B 249 0.34 20.23 -2.27
N ASP B 250 -0.15 19.96 -3.48
CA ASP B 250 -0.98 18.79 -3.71
C ASP B 250 -1.08 18.49 -5.19
N GLU B 251 -1.98 17.58 -5.54
CA GLU B 251 -2.16 17.19 -6.93
C GLU B 251 -2.70 18.28 -7.83
N HIS B 252 -2.94 19.47 -7.28
CA HIS B 252 -3.44 20.58 -8.08
C HIS B 252 -2.50 21.76 -8.13
N THR B 253 -1.31 21.58 -7.57
CA THR B 253 -0.31 22.63 -7.57
C THR B 253 0.91 22.11 -8.32
N THR B 254 1.38 22.88 -9.29
CA THR B 254 2.54 22.48 -10.07
C THR B 254 3.81 22.89 -9.35
N PRO B 255 4.95 22.27 -9.70
CA PRO B 255 6.21 22.60 -9.05
C PRO B 255 6.52 24.10 -9.16
N VAL B 256 5.99 24.75 -10.18
CA VAL B 256 6.24 26.17 -10.35
C VAL B 256 5.31 27.01 -9.48
N GLU B 257 4.03 26.65 -9.44
CA GLU B 257 3.07 27.36 -8.61
C GLU B 257 3.48 27.22 -7.15
N GLY B 258 4.11 26.09 -6.82
CA GLY B 258 4.53 25.83 -5.45
C GLY B 258 5.90 26.38 -5.09
N SER B 259 6.44 27.25 -5.92
CA SER B 259 7.75 27.84 -5.66
C SER B 259 8.81 26.77 -5.42
N LEU B 260 8.78 25.72 -6.25
CA LEU B 260 9.73 24.63 -6.14
C LEU B 260 10.37 24.38 -7.50
N SER B 261 10.44 25.42 -8.32
CA SER B 261 11.02 25.32 -9.65
C SER B 261 12.43 24.77 -9.61
N TRP B 262 13.17 25.11 -8.57
CA TRP B 262 14.56 24.64 -8.47
C TRP B 262 14.66 23.11 -8.41
N THR B 263 13.56 22.43 -8.14
CA THR B 263 13.59 20.97 -8.08
C THR B 263 13.59 20.37 -9.49
N LEU B 264 13.19 21.16 -10.47
CA LEU B 264 13.15 20.71 -11.87
C LEU B 264 14.55 20.75 -12.47
N GLY B 265 15.12 19.59 -12.75
CA GLY B 265 16.45 19.51 -13.33
C GLY B 265 16.65 20.25 -14.63
N LYS B 266 17.87 20.73 -14.86
CA LYS B 266 18.20 21.48 -16.07
C LYS B 266 17.99 20.63 -17.32
N ARG B 267 18.50 19.40 -17.30
CA ARG B 267 18.34 18.50 -18.42
C ARG B 267 16.90 18.07 -18.59
N ARG B 268 16.20 17.92 -17.47
CA ARG B 268 14.81 17.51 -17.54
C ARG B 268 14.02 18.62 -18.22
N ARG B 269 14.34 19.86 -17.90
CA ARG B 269 13.65 21.00 -18.49
C ARG B 269 13.83 20.98 -20.00
N ALA B 270 15.04 20.65 -20.43
CA ALA B 270 15.36 20.60 -21.85
C ALA B 270 14.83 19.32 -22.51
N ALA B 271 14.81 18.23 -21.76
CA ALA B 271 14.33 16.96 -22.29
C ALA B 271 12.81 16.92 -22.42
N MET B 272 12.10 17.47 -21.43
CA MET B 272 10.64 17.48 -21.43
C MET B 272 10.15 16.07 -21.18
N ASP B 273 10.99 15.26 -20.54
CA ASP B 273 10.66 13.86 -20.28
C ASP B 273 10.12 13.51 -18.90
N PHE B 274 9.42 14.45 -18.26
CA PHE B 274 8.86 14.15 -16.96
C PHE B 274 7.37 14.42 -17.00
N PRO B 275 6.58 13.62 -16.27
CA PRO B 275 5.13 13.79 -16.25
C PRO B 275 4.67 15.21 -15.99
N GLY B 276 3.80 15.70 -16.87
CA GLY B 276 3.27 17.05 -16.74
C GLY B 276 4.17 18.13 -17.27
N ALA B 277 5.27 17.75 -17.92
CA ALA B 277 6.23 18.70 -18.48
C ALA B 277 5.62 19.69 -19.47
N LYS B 278 4.64 19.23 -20.25
CA LYS B 278 3.98 20.10 -21.23
C LYS B 278 3.35 21.29 -20.55
N VAL B 279 2.89 21.07 -19.32
CA VAL B 279 2.23 22.09 -18.52
C VAL B 279 3.20 22.90 -17.67
N ILE B 280 4.06 22.17 -16.97
CA ILE B 280 5.03 22.78 -16.07
C ILE B 280 6.02 23.71 -16.73
N VAL B 281 6.77 23.21 -17.70
CA VAL B 281 7.78 24.00 -18.38
C VAL B 281 7.31 25.39 -18.85
N PRO B 282 6.12 25.48 -19.46
CA PRO B 282 5.62 26.78 -19.92
C PRO B 282 5.49 27.80 -18.79
N GLN B 283 5.15 27.32 -17.61
CA GLN B 283 5.00 28.20 -16.44
C GLN B 283 6.32 28.79 -15.99
N LEU B 284 7.44 28.12 -16.27
CA LEU B 284 8.74 28.64 -15.88
C LEU B 284 8.92 29.99 -16.54
N LYS B 285 8.09 30.24 -17.55
CA LYS B 285 8.08 31.49 -18.30
C LYS B 285 7.00 32.43 -17.73
N GLY B 286 7.05 32.63 -16.42
CA GLY B 286 6.12 33.50 -15.74
C GLY B 286 4.63 33.19 -15.86
N ARG B 287 4.26 32.36 -16.84
CA ARG B 287 2.87 32.00 -17.09
C ARG B 287 2.14 31.33 -15.92
N VAL B 288 2.41 31.80 -14.69
CA VAL B 288 1.79 31.24 -13.49
C VAL B 288 0.69 32.12 -12.91
N GLN B 289 -0.46 31.51 -12.65
CA GLN B 289 -1.61 32.22 -12.10
C GLN B 289 -1.48 32.49 -10.61
N ARG B 290 -0.61 31.72 -9.96
CA ARG B 290 -0.41 31.88 -8.53
C ARG B 290 0.97 31.42 -8.08
N ARG B 291 1.27 31.67 -6.82
CA ARG B 291 2.57 31.31 -6.28
C ARG B 291 2.55 31.13 -4.76
N ARG B 292 3.34 30.16 -4.26
CA ARG B 292 3.42 29.91 -2.83
C ARG B 292 4.33 30.96 -2.22
N VAL B 293 3.87 31.56 -1.11
CA VAL B 293 4.65 32.59 -0.43
C VAL B 293 4.51 32.40 1.08
N GLY B 294 5.33 33.14 1.83
CA GLY B 294 5.28 33.08 3.27
C GLY B 294 4.60 34.33 3.78
N LEU B 295 3.84 34.20 4.87
CA LEU B 295 3.13 35.33 5.45
C LEU B 295 3.48 35.50 6.93
N MET B 296 3.40 36.74 7.40
CA MET B 296 3.67 37.04 8.80
C MET B 296 2.68 38.07 9.30
N CYS B 297 2.34 38.00 10.58
CA CYS B 297 1.40 38.93 11.19
C CYS B 297 1.48 38.81 12.70
N GLU B 298 0.72 39.66 13.39
CA GLU B 298 0.71 39.64 14.84
C GLU B 298 -0.68 39.34 15.38
N GLY B 299 -0.77 39.07 16.67
CA GLY B 299 -2.05 38.76 17.28
C GLY B 299 -2.55 37.37 16.94
N ALA B 300 -3.79 37.31 16.46
CA ALA B 300 -4.39 36.04 16.11
C ALA B 300 -3.60 35.33 15.00
N PRO B 301 -3.27 34.05 15.21
CA PRO B 301 -2.51 33.21 14.26
C PRO B 301 -3.30 32.92 12.99
N MET B 302 -2.60 32.92 11.85
CA MET B 302 -3.23 32.64 10.56
C MET B 302 -3.38 31.12 10.41
N ARG B 303 -4.59 30.66 10.09
CA ARG B 303 -4.84 29.23 9.94
C ARG B 303 -5.13 28.78 8.52
N ALA B 304 -4.86 27.51 8.26
CA ALA B 304 -5.10 26.92 6.94
C ALA B 304 -6.56 27.14 6.53
N HIS B 305 -6.77 27.38 5.25
CA HIS B 305 -8.10 27.62 4.68
C HIS B 305 -8.57 29.07 4.76
N SER B 306 -7.84 29.91 5.51
CA SER B 306 -8.18 31.32 5.64
C SER B 306 -7.90 32.06 4.34
N PRO B 307 -8.85 32.92 3.92
CA PRO B 307 -8.69 33.70 2.68
C PRO B 307 -7.69 34.84 2.82
N ILE B 308 -7.02 35.15 1.72
CA ILE B 308 -6.06 36.25 1.69
C ILE B 308 -6.63 37.29 0.74
N LEU B 309 -6.64 38.54 1.17
CA LEU B 309 -7.18 39.61 0.34
C LEU B 309 -6.11 40.66 0.16
N ASN B 310 -6.26 41.52 -0.86
CA ASN B 310 -5.31 42.60 -1.04
C ASN B 310 -5.76 43.68 -0.06
N MET B 311 -5.15 44.86 -0.11
CA MET B 311 -5.54 45.90 0.84
C MET B 311 -6.90 46.53 0.57
N GLU B 312 -7.50 46.21 -0.56
CA GLU B 312 -8.83 46.72 -0.87
C GLU B 312 -9.85 45.69 -0.38
N GLY B 313 -9.35 44.59 0.19
CA GLY B 313 -10.22 43.56 0.70
C GLY B 313 -10.74 42.57 -0.34
N THR B 314 -10.10 42.51 -1.49
CA THR B 314 -10.52 41.58 -2.53
C THR B 314 -9.79 40.26 -2.32
N LYS B 315 -10.51 39.15 -2.27
CA LYS B 315 -9.85 37.86 -2.08
C LYS B 315 -8.90 37.60 -3.22
N ILE B 316 -7.71 37.12 -2.89
CA ILE B 316 -6.70 36.84 -3.90
C ILE B 316 -6.03 35.48 -3.68
N GLY B 317 -6.25 34.88 -2.52
CA GLY B 317 -5.63 33.60 -2.26
C GLY B 317 -6.09 32.92 -1.00
N THR B 318 -5.36 31.88 -0.59
CA THR B 318 -5.70 31.14 0.61
C THR B 318 -4.48 30.69 1.38
N VAL B 319 -4.62 30.61 2.70
CA VAL B 319 -3.54 30.16 3.56
C VAL B 319 -3.57 28.63 3.59
N THR B 320 -2.41 28.00 3.49
CA THR B 320 -2.36 26.53 3.50
C THR B 320 -1.79 25.93 4.77
N SER B 321 -1.04 26.73 5.52
CA SER B 321 -0.44 26.27 6.77
C SER B 321 -0.10 27.49 7.61
N GLY B 322 -0.30 27.37 8.93
CA GLY B 322 -0.01 28.48 9.80
C GLY B 322 -0.03 28.10 11.27
N CYS B 323 0.84 28.74 12.04
CA CYS B 323 0.94 28.51 13.48
C CYS B 323 1.89 29.56 14.04
N PRO B 324 1.93 29.71 15.36
CA PRO B 324 2.83 30.70 15.96
C PRO B 324 4.30 30.31 15.86
N SER B 325 5.14 31.26 15.49
CA SER B 325 6.57 31.01 15.37
C SER B 325 7.27 31.30 16.70
N PRO B 326 7.85 30.27 17.31
CA PRO B 326 8.56 30.44 18.59
C PRO B 326 9.86 31.22 18.41
N SER B 327 10.55 30.95 17.32
CA SER B 327 11.81 31.63 17.05
C SER B 327 11.68 33.09 16.67
N LEU B 328 10.49 33.51 16.25
CA LEU B 328 10.28 34.90 15.86
C LEU B 328 9.26 35.66 16.71
N LYS B 329 8.55 34.94 17.58
CA LYS B 329 7.54 35.57 18.43
C LYS B 329 6.44 36.24 17.60
N LYS B 330 6.14 35.66 16.46
CA LYS B 330 5.10 36.16 15.57
C LYS B 330 4.40 34.95 14.99
N ASN B 331 3.41 35.19 14.16
CA ASN B 331 2.71 34.09 13.52
C ASN B 331 3.22 33.99 12.10
N VAL B 332 3.43 32.77 11.64
CA VAL B 332 3.91 32.54 10.28
C VAL B 332 2.95 31.65 9.53
N ALA B 333 2.99 31.72 8.20
CA ALA B 333 2.09 30.92 7.40
C ALA B 333 2.52 30.88 5.94
N MET B 334 1.92 29.94 5.22
CA MET B 334 2.17 29.78 3.79
C MET B 334 0.83 29.87 3.09
N GLY B 335 0.84 30.29 1.84
CA GLY B 335 -0.39 30.41 1.09
C GLY B 335 -0.10 30.75 -0.35
N TYR B 336 -1.14 30.78 -1.18
CA TYR B 336 -0.98 31.11 -2.57
C TYR B 336 -1.63 32.45 -2.90
N VAL B 337 -0.92 33.26 -3.67
CA VAL B 337 -1.41 34.57 -4.09
C VAL B 337 -0.92 34.83 -5.51
N PRO B 338 -1.55 35.77 -6.23
CA PRO B 338 -1.10 36.04 -7.59
C PRO B 338 0.32 36.61 -7.54
N CYS B 339 1.07 36.48 -8.64
CA CYS B 339 2.43 36.96 -8.71
C CYS B 339 2.62 38.40 -8.28
N GLU B 340 1.63 39.24 -8.59
CA GLU B 340 1.69 40.67 -8.25
C GLU B 340 1.86 40.93 -6.76
N TYR B 341 1.41 39.99 -5.94
CA TYR B 341 1.50 40.16 -4.50
C TYR B 341 2.54 39.27 -3.83
N SER B 342 3.38 38.61 -4.62
CA SER B 342 4.37 37.71 -4.05
C SER B 342 5.69 38.34 -3.66
N ARG B 343 5.87 39.60 -3.98
CA ARG B 343 7.11 40.29 -3.64
C ARG B 343 7.22 40.42 -2.13
N PRO B 344 8.35 39.99 -1.54
CA PRO B 344 8.51 40.10 -0.09
C PRO B 344 8.21 41.52 0.35
N GLY B 345 7.53 41.67 1.48
CA GLY B 345 7.20 43.01 1.95
C GLY B 345 5.83 43.51 1.52
N THR B 346 5.13 42.74 0.69
CA THR B 346 3.80 43.12 0.21
C THR B 346 2.80 43.11 1.35
N MET B 347 1.97 44.14 1.42
CA MET B 347 0.98 44.23 2.47
C MET B 347 -0.32 43.54 2.03
N LEU B 348 -0.77 42.59 2.84
CA LEU B 348 -1.98 41.85 2.53
C LEU B 348 -2.88 41.77 3.75
N LEU B 349 -4.07 41.21 3.57
CA LEU B 349 -5.00 41.02 4.66
C LEU B 349 -5.33 39.54 4.68
N VAL B 350 -5.55 39.00 5.87
CA VAL B 350 -5.89 37.59 6.03
C VAL B 350 -7.04 37.50 7.01
N GLU B 351 -8.10 36.81 6.63
CA GLU B 351 -9.22 36.65 7.54
C GLU B 351 -8.85 35.71 8.67
N VAL B 352 -8.68 36.26 9.86
CA VAL B 352 -8.31 35.49 11.02
C VAL B 352 -9.41 35.58 12.07
N ARG B 353 -9.84 34.42 12.55
CA ARG B 353 -10.90 34.36 13.56
C ARG B 353 -12.10 35.19 13.09
N ARG B 354 -12.39 35.08 11.78
CA ARG B 354 -13.52 35.78 11.15
C ARG B 354 -13.23 37.24 10.76
N LYS B 355 -12.33 37.88 11.49
CA LYS B 355 -11.98 39.28 11.24
C LYS B 355 -10.78 39.43 10.29
N GLN B 356 -10.69 40.58 9.63
CA GLN B 356 -9.57 40.83 8.71
C GLN B 356 -8.35 41.28 9.50
N GLN B 357 -7.21 40.69 9.20
CA GLN B 357 -5.98 41.04 9.90
C GLN B 357 -4.90 41.38 8.89
N MET B 358 -4.15 42.44 9.17
CA MET B 358 -3.09 42.90 8.28
C MET B 358 -1.87 42.01 8.41
N ALA B 359 -1.38 41.52 7.28
CA ALA B 359 -0.20 40.63 7.26
C ALA B 359 0.78 41.07 6.18
N VAL B 360 2.01 40.58 6.27
CA VAL B 360 3.02 40.95 5.28
C VAL B 360 3.75 39.73 4.71
N VAL B 361 3.88 39.70 3.38
CA VAL B 361 4.56 38.62 2.68
C VAL B 361 6.01 38.62 3.09
N SER B 362 6.49 37.47 3.55
CA SER B 362 7.85 37.33 4.02
C SER B 362 8.65 36.37 3.14
N LYS B 363 9.91 36.71 2.91
CA LYS B 363 10.79 35.87 2.12
C LYS B 363 11.04 34.60 2.91
N MET B 364 11.15 33.46 2.24
CA MET B 364 11.39 32.22 2.94
C MET B 364 12.82 31.75 2.69
N PRO B 365 13.43 31.09 3.68
CA PRO B 365 12.87 30.75 5.00
C PRO B 365 12.71 31.93 5.93
N PHE B 366 11.71 31.87 6.81
CA PHE B 366 11.46 32.94 7.78
C PHE B 366 12.66 33.04 8.71
N VAL B 367 13.28 31.90 8.97
CA VAL B 367 14.47 31.83 9.83
C VAL B 367 15.60 31.27 8.99
N PRO B 368 16.76 31.95 8.97
CA PRO B 368 17.92 31.50 8.20
C PRO B 368 18.30 30.06 8.50
N THR B 369 18.51 29.27 7.45
CA THR B 369 18.89 27.87 7.63
C THR B 369 20.36 27.77 8.01
N ASN B 370 20.76 26.61 8.52
CA ASN B 370 22.14 26.35 8.95
C ASN B 370 22.67 25.05 8.36
N TYR B 371 22.36 24.79 7.10
CA TYR B 371 22.80 23.58 6.45
C TYR B 371 24.32 23.53 6.35
N TYR B 372 24.90 22.41 6.77
CA TYR B 372 26.34 22.24 6.73
C TYR B 372 26.81 21.98 5.30
N THR B 373 27.56 22.92 4.75
CA THR B 373 28.08 22.79 3.39
C THR B 373 29.57 23.07 3.34
N LEU B 374 30.26 22.37 2.44
CA LEU B 374 31.70 22.53 2.28
C LEU B 374 32.02 23.57 1.19
S SO4 C . 6.60 -13.33 -29.43
O1 SO4 C . 7.44 -14.48 -29.81
O2 SO4 C . 5.21 -13.57 -29.89
O3 SO4 C . 6.62 -13.15 -27.98
O4 SO4 C . 7.12 -12.11 -30.09
S SO4 D . 3.06 -43.55 -16.23
O1 SO4 D . 2.69 -42.98 -17.54
O2 SO4 D . 4.13 -44.55 -16.42
O3 SO4 D . 3.56 -42.49 -15.34
O4 SO4 D . 1.88 -44.19 -15.62
S SO4 E . -26.21 -10.70 -15.16
O1 SO4 E . -26.37 -12.04 -15.78
O2 SO4 E . -25.52 -9.81 -16.11
O3 SO4 E . -27.54 -10.15 -14.85
O4 SO4 E . -25.41 -10.81 -13.93
S SO4 F . -31.23 -7.25 -11.79
O1 SO4 F . -30.68 -8.26 -12.72
O2 SO4 F . -31.54 -7.89 -10.50
O3 SO4 F . -30.23 -6.20 -11.57
O4 SO4 F . -32.46 -6.67 -12.36
S SO4 G . -12.98 -10.68 26.06
O1 SO4 G . -12.58 -12.05 25.73
O2 SO4 G . -13.94 -10.71 27.18
O3 SO4 G . -11.79 -9.90 26.45
O4 SO4 G . -13.61 -10.04 24.89
S SO4 H . -21.09 -12.50 23.73
O1 SO4 H . -20.28 -13.36 24.63
O2 SO4 H . -22.39 -12.23 24.36
O3 SO4 H . -20.38 -11.23 23.49
O4 SO4 H . -21.30 -13.20 22.45
S SO4 I . -17.94 -25.51 7.85
O1 SO4 I . -18.56 -25.42 6.51
O2 SO4 I . -16.66 -26.23 7.76
O3 SO4 I . -17.72 -24.15 8.36
O4 SO4 I . -18.86 -26.22 8.77
S SO4 J . -9.23 -12.04 -31.05
O1 SO4 J . -10.36 -12.23 -31.99
O2 SO4 J . -9.00 -13.31 -30.33
O3 SO4 J . -8.02 -11.66 -31.82
O4 SO4 J . -9.56 -10.98 -30.09
OE1 THH K . -8.20 -27.09 0.02
CD THH K . -8.01 -25.90 -0.38
OE2 THH K . -7.13 -25.18 0.17
CG THH K . -8.90 -25.46 -1.53
CB THH K . -10.35 -25.43 -1.08
CA THH K . -11.22 -24.81 -2.16
CT THH K . -12.67 -25.15 -2.08
O1 THH K . -13.41 -24.61 -1.23
O2 THH K . -13.07 -25.97 -2.94
N THH K . -11.06 -23.38 -2.13
C THH K . -10.66 -22.68 -3.20
O THH K . -10.38 -23.12 -4.32
C12 THH K . -10.57 -21.17 -3.02
C13 THH K . -11.43 -20.38 -2.21
C14 THH K . -11.33 -18.96 -2.06
C15 THH K . -10.32 -18.23 -2.74
C16 THH K . -9.47 -19.03 -3.53
C17 THH K . -9.58 -20.42 -3.67
N10 THH K . -10.05 -16.94 -2.75
C9 THH K . -9.15 -16.29 -1.80
C6 THH K . -8.46 -15.17 -2.56
C7 THH K . -7.13 -14.61 -2.14
N8 THH K . -6.05 -15.38 -2.75
C8A THH K . -6.13 -15.98 -3.95
N1 THH K . -4.95 -16.54 -4.37
C4A THH K . -7.45 -15.98 -4.69
N5 THH K . -8.53 -15.35 -4.04
C11 THH K . -9.59 -14.87 -4.90
C4 THH K . -7.35 -16.68 -5.99
O4 THH K . -8.23 -16.90 -6.94
N3 THH K . -6.09 -17.19 -6.27
C2 THH K . -4.92 -17.15 -5.55
NA2 THH K . -3.82 -17.75 -6.04
S SO4 L . 11.20 28.91 -7.50
O1 SO4 L . 12.23 27.86 -7.48
O2 SO4 L . 11.19 29.60 -6.19
O3 SO4 L . 11.50 29.89 -8.56
O4 SO4 L . 9.88 28.33 -7.76
S SO4 M . -6.87 29.73 16.94
O1 SO4 M . -7.72 29.23 15.83
O2 SO4 M . -6.42 28.59 17.76
O3 SO4 M . -5.69 30.41 16.39
O4 SO4 M . -7.65 30.66 17.76
S SO4 N . -1.03 26.34 18.18
O1 SO4 N . -1.08 27.11 16.93
O2 SO4 N . -0.62 27.23 19.29
O3 SO4 N . -2.36 25.78 18.46
O4 SO4 N . -0.04 25.25 18.04
OE1 THH O . 18.93 20.88 -1.74
CD THH O . 18.04 20.12 -1.27
OE2 THH O . 17.66 19.11 -1.90
CG THH O . 17.51 20.55 0.08
CB THH O . 16.55 21.71 -0.10
CA THH O . 15.88 22.05 1.20
CT THH O . 15.47 23.48 1.34
O1 THH O . 14.67 24.00 0.55
O2 THH O . 15.99 24.09 2.30
N THH O . 14.72 21.19 1.36
C THH O . 14.62 20.32 2.36
O THH O . 15.44 20.10 3.26
C12 THH O . 13.35 19.51 2.39
C13 THH O . 12.07 19.94 1.95
C14 THH O . 10.86 19.14 2.01
C15 THH O . 10.90 17.83 2.52
C16 THH O . 12.18 17.43 2.95
C17 THH O . 13.33 18.21 2.89
N10 THH O . 9.94 16.93 2.68
C9 THH O . 9.71 15.81 1.74
C6 THH O . 9.24 14.62 2.58
C7 THH O . 9.32 13.21 2.04
N8 THH O . 10.63 12.64 2.32
C8A THH O . 11.38 12.96 3.40
N1 THH O . 12.53 12.22 3.51
C4A THH O . 10.90 14.04 4.33
N5 THH O . 9.68 14.66 3.99
C11 THH O . 8.94 15.26 5.08
C4 THH O . 11.84 14.23 5.47
O4 THH O . 11.80 15.05 6.51
N3 THH O . 12.96 13.43 5.44
C2 THH O . 13.34 12.46 4.54
NA2 THH O . 14.51 11.79 4.72
#